data_6GDZ
#
_entry.id   6GDZ
#
loop_
_entity.id
_entity.type
_entity.pdbx_description
1 polymer Exendin-4
2 non-polymer '(2~{S})-2-[[(4~{S})-4-(hexadecanoylamino)-5-oxidanyl-5-oxidanylidene-pentanoyl]amino]pentanedioic acid'
#
_entity_poly.entity_id   1
_entity_poly.type   'polypeptide(L)'
_entity_poly.pdbx_seq_one_letter_code
;H(AIB)QGTFTSDLSKQKDEQRAKLFIEWL(AIB)AGGPSSGAPPPS(NH2)
;
_entity_poly.pdbx_strand_id   A
#
loop_
_chem_comp.id
_chem_comp.type
_chem_comp.name
_chem_comp.formula
EVT non-polymer '(2~{S})-2-[[(4~{S})-4-(hexadecanoylamino)-5-oxidanyl-5-oxidanylidene-pentanoyl]amino]pentanedioic acid' 'C26 H46 N2 O8'
NH2 non-polymer 'AMINO GROUP' 'H2 N'
#
# COMPACT_ATOMS: atom_id res chain seq x y z
N HIS A 1 -2.84 -4.71 23.45
CA HIS A 1 -2.84 -3.50 24.31
C HIS A 1 -3.50 -2.35 23.59
N AIB A 2 -3.73 -1.21 24.29
CA AIB A 2 -4.24 -0.01 23.62
C AIB A 2 -3.47 0.21 22.33
O AIB A 2 -4.08 0.42 21.29
CB1 AIB A 2 -4.03 1.24 24.52
CB2 AIB A 2 -5.76 -0.19 23.37
H AIB A 2 -3.55 -1.16 25.26
HB11 AIB A 2 -2.97 1.34 24.80
HB12 AIB A 2 -4.33 2.16 23.99
HB13 AIB A 2 -4.63 1.15 25.44
HB21 AIB A 2 -6.27 -0.40 24.32
HB22 AIB A 2 -6.19 0.73 22.93
HB23 AIB A 2 -5.94 -1.02 22.67
N GLN A 3 -2.12 0.13 22.38
CA GLN A 3 -1.33 0.28 21.15
C GLN A 3 -1.80 -0.74 20.15
N GLY A 4 -1.89 -2.03 20.52
CA GLY A 4 -2.33 -3.06 19.58
C GLY A 4 -3.49 -2.58 18.73
N THR A 5 -4.53 -2.01 19.36
CA THR A 5 -5.66 -1.50 18.59
C THR A 5 -5.20 -0.40 17.66
N PHE A 6 -4.47 0.62 18.17
CA PHE A 6 -4.12 1.75 17.32
C PHE A 6 -3.10 1.33 16.29
N THR A 7 -1.91 0.80 16.66
CA THR A 7 -0.94 0.46 15.63
C THR A 7 -1.57 -0.39 14.55
N SER A 8 -2.47 -1.33 14.91
CA SER A 8 -3.09 -2.16 13.87
C SER A 8 -3.99 -1.31 13.03
N ASP A 9 -4.82 -0.43 13.62
CA ASP A 9 -5.70 0.43 12.82
C ASP A 9 -4.87 1.34 11.96
N LEU A 10 -3.85 2.00 12.53
CA LEU A 10 -3.04 2.96 11.79
C LEU A 10 -2.37 2.25 10.63
N SER A 11 -1.81 1.05 10.86
CA SER A 11 -1.24 0.31 9.74
C SER A 11 -2.36 -0.08 8.81
N LYS A 12 -3.57 -0.46 9.28
CA LYS A 12 -4.62 -0.79 8.34
C LYS A 12 -4.85 0.42 7.46
N GLN A 13 -4.91 1.64 8.04
CA GLN A 13 -5.11 2.83 7.22
C GLN A 13 -4.00 2.92 6.22
N LYS A 14 -2.73 2.76 6.64
CA LYS A 14 -1.61 2.93 5.71
C LYS A 14 -1.58 1.75 4.76
N ASP A 15 -1.42 0.51 5.27
CA ASP A 15 -1.49 -0.68 4.45
C ASP A 15 -2.58 -0.56 3.39
N GLU A 16 -3.76 -0.01 3.75
CA GLU A 16 -4.82 0.13 2.74
C GLU A 16 -4.31 1.06 1.67
N GLN A 17 -3.84 2.28 2.03
CA GLN A 17 -3.34 3.20 1.00
C GLN A 17 -2.24 2.55 0.19
N ARG A 18 -1.30 1.83 0.86
CA ARG A 18 -0.21 1.19 0.13
C ARG A 18 -0.82 0.20 -0.85
N ALA A 19 -1.80 -0.61 -0.40
CA ALA A 19 -2.43 -1.58 -1.30
C ALA A 19 -3.15 -0.85 -2.41
N LYS A 20 -3.87 0.26 -2.13
CA LYS A 20 -4.60 0.95 -3.18
C LYS A 20 -3.63 1.48 -4.20
N LEU A 21 -2.45 2.02 -3.77
CA LEU A 21 -1.46 2.45 -4.76
C LEU A 21 -1.08 1.24 -5.59
N PHE A 22 -0.88 0.07 -4.96
CA PHE A 22 -0.54 -1.12 -5.74
C PHE A 22 -1.64 -1.43 -6.72
N ILE A 23 -2.94 -1.38 -6.32
CA ILE A 23 -4.02 -1.62 -7.28
C ILE A 23 -3.96 -0.59 -8.39
N GLU A 24 -3.77 0.72 -8.08
CA GLU A 24 -3.71 1.72 -9.15
C GLU A 24 -2.53 1.40 -10.05
N TRP A 25 -1.42 0.89 -9.51
CA TRP A 25 -0.29 0.48 -10.36
C TRP A 25 -0.65 -0.73 -11.19
N LEU A 26 -1.38 -1.71 -10.62
CA LEU A 26 -1.83 -2.85 -11.45
C LEU A 26 -2.71 -2.32 -12.55
N AIB A 27 -3.66 -1.39 -12.24
CA AIB A 27 -4.53 -0.81 -13.26
C AIB A 27 -3.68 -0.11 -14.30
O AIB A 27 -3.97 -0.22 -15.49
CB1 AIB A 27 -5.42 -1.91 -13.92
CB2 AIB A 27 -5.46 0.24 -12.61
H AIB A 27 -3.72 -1.05 -11.31
HB11 AIB A 27 -4.83 -2.63 -14.50
HB12 AIB A 27 -5.95 -2.45 -13.13
HB13 AIB A 27 -6.16 -1.46 -14.61
HB21 AIB A 27 -6.15 0.66 -13.35
HB22 AIB A 27 -6.04 -0.22 -11.79
HB23 AIB A 27 -4.87 1.08 -12.19
N ALA A 28 -2.62 0.60 -13.88
CA ALA A 28 -1.73 1.24 -14.85
C ALA A 28 -1.05 0.24 -15.76
N GLY A 29 -0.99 -1.07 -15.38
CA GLY A 29 -0.29 -2.05 -16.18
C GLY A 29 0.41 -3.06 -15.29
N GLY A 30 0.78 -2.72 -14.03
CA GLY A 30 1.52 -3.68 -13.22
C GLY A 30 2.92 -3.73 -13.77
N PRO A 31 3.62 -4.89 -13.84
CA PRO A 31 4.91 -4.91 -14.53
C PRO A 31 4.82 -4.34 -15.93
N SER A 32 3.66 -4.43 -16.60
CA SER A 32 3.54 -3.91 -17.96
C SER A 32 3.59 -2.40 -18.01
N SER A 33 3.19 -1.68 -16.94
CA SER A 33 3.16 -0.22 -17.01
C SER A 33 4.49 0.36 -17.37
N GLY A 34 5.60 -0.21 -16.82
CA GLY A 34 6.93 0.37 -17.00
C GLY A 34 7.33 1.03 -15.70
N ALA A 35 6.39 1.63 -14.93
CA ALA A 35 6.78 2.28 -13.68
C ALA A 35 7.07 1.23 -12.62
N PRO A 36 8.12 1.28 -11.76
CA PRO A 36 8.20 0.33 -10.66
C PRO A 36 6.95 0.30 -9.81
N PRO A 37 6.67 -0.76 -9.00
CA PRO A 37 5.50 -0.72 -8.13
C PRO A 37 5.75 0.20 -6.96
N PRO A 38 4.72 0.65 -6.19
CA PRO A 38 4.98 1.50 -5.03
C PRO A 38 5.62 0.66 -3.95
N SER A 39 6.97 0.50 -4.03
CA SER A 39 7.68 -0.36 -3.09
C SER A 39 9.05 0.22 -2.80
N NH2 A 40 9.49 0.35 -1.53
HN1 NH2 A 40 10.38 0.75 -1.36
HN2 NH2 A 40 8.94 0.06 -0.74
C7 EVT B . 7.96 2.03 11.19
C9 EVT B . 8.88 0.83 11.09
C10 EVT B . 9.96 0.97 9.98
C11 EVT B . 11.09 -0.08 10.11
C12 EVT B . 14.06 1.52 8.30
C13 EVT B . 15.45 1.20 8.92
C14 EVT B . 15.59 -0.29 9.28
O8 EVT B . 8.21 3.04 10.57
C15 EVT B . 16.96 -0.59 9.96
N6 EVT B . 6.89 1.90 12.02
C16 EVT B . 17.12 -2.11 10.24
C17 EVT B . 18.39 -2.41 11.08
C18 EVT B . 18.53 -3.91 11.36
C19 EVT B . 19.86 -4.29 12.09
C20 EVT B . 20.07 -3.51 13.43
C21 EVT B . 21.23 -4.15 14.23
C22 EVT B . 21.50 -3.41 15.57
C23 EVT B . 10.54 -1.47 9.92
O24 EVT B . 10.56 -1.95 8.76
N25 EVT B . 12.14 0.20 9.13
C26 EVT B . 12.98 1.25 9.31
O26 EVT B . 10.09 -2.08 10.91
O27 EVT B . 12.91 1.99 10.28
C29 EVT B . 22.61 -4.10 16.38
C30 EVT B . 22.76 -3.57 17.84
C31 EVT B . 23.22 -2.09 17.92
C32 EVT B . 23.47 -1.67 19.39
C33 EVT B . 2.23 3.82 11.60
O34 EVT B . 1.22 3.66 12.28
C35 EVT B . 3.57 3.83 12.29
C36 EVT B . 4.53 2.68 11.87
C37 EVT B . 5.99 3.02 12.29
C38 EVT B . 6.06 3.33 13.76
O39 EVT B . 6.06 2.36 14.57
O40 EVT B . 6.13 4.53 14.13
H93 EVT B . 9.37 0.72 12.08
H92 EVT B . 8.29 -0.08 10.91
H103 EVT B . 9.48 0.87 9.00
H102 EVT B . 10.41 1.96 10.05
H11 EVT B . 11.53 0.00 11.12
H122 EVT B . 13.92 0.93 7.38
H123 EVT B . 14.01 2.59 8.01
H133 EVT B . 15.56 1.81 9.83
H132 EVT B . 16.24 1.49 8.22
H143 EVT B . 15.51 -0.89 8.37
H142 EVT B . 14.78 -0.58 9.96
H153 EVT B . 17.00 -0.03 10.91
H152 EVT B . 17.77 -0.25 9.31
H6 EVT B . 6.72 1.04 12.50
H163 EVT B . 17.17 -2.65 9.27
H162 EVT B . 16.24 -2.47 10.79
H173 EVT B . 18.29 -1.86 12.03
H172 EVT B . 19.28 -2.04 10.54
H183 EVT B . 18.51 -4.47 10.41
H182 EVT B . 17.69 -4.27 11.98
H193 EVT B . 20.71 -4.11 11.42
H192 EVT B . 19.82 -5.36 12.30
H203 EVT B . 19.15 -3.55 14.02
H202 EVT B . 20.33 -2.47 13.21
H213 EVT B . 22.15 -4.16 13.63
H212 EVT B . 20.96 -5.19 14.47
H223 EVT B . 20.57 -3.41 16.16
H222 EVT B . 21.78 -2.36 15.36
H25 EVT B . 12.21 -0.39 8.33
H293 EVT B . 23.58 -4.01 15.86
H292 EVT B . 22.37 -5.18 16.45
H303 EVT B . 23.52 -4.19 18.35
H302 EVT B . 21.80 -3.70 18.37
H313 EVT B . 22.43 -1.45 17.50
H312 EVT B . 24.13 -1.95 17.33
H321 EVT B . 22.56 -1.82 20.00
H323 EVT B . 23.74 -0.61 19.42
H322 EVT B . 24.28 -2.25 19.83
H353 EVT B . 3.45 3.78 13.38
H352 EVT B . 4.02 4.80 12.05
H363 EVT B . 4.50 2.53 10.79
H362 EVT B . 4.22 1.74 12.35
H37 EVT B . 6.28 3.93 11.73
N HIS A 1 1.05 -3.54 23.25
CA HIS A 1 1.03 -2.29 24.06
C HIS A 1 0.59 -1.14 23.19
N AIB A 2 0.32 0.06 23.76
CA AIB A 2 0.00 1.23 22.94
C AIB A 2 0.94 1.30 21.75
O AIB A 2 0.48 1.46 20.63
CB1 AIB A 2 0.19 2.54 23.76
CB2 AIB A 2 -1.47 1.14 22.47
H AIB A 2 0.33 0.16 24.76
HB11 AIB A 2 0.06 3.41 23.11
HB12 AIB A 2 -0.53 2.59 24.58
HB13 AIB A 2 1.20 2.57 24.21
HB21 AIB A 2 -2.15 1.12 23.34
HB22 AIB A 2 -1.74 2.00 21.86
HB23 AIB A 2 -1.63 0.22 21.90
N GLN A 3 2.27 1.14 21.99
CA GLN A 3 3.21 1.16 20.87
C GLN A 3 2.86 0.07 19.88
N GLY A 4 2.64 -1.17 20.35
CA GLY A 4 2.34 -2.26 19.45
C GLY A 4 1.09 -2.00 18.64
N THR A 5 -0.07 -1.78 19.30
CA THR A 5 -1.30 -1.57 18.53
C THR A 5 -1.12 -0.38 17.61
N PHE A 6 -0.41 0.67 18.06
CA PHE A 6 -0.26 1.85 17.19
C PHE A 6 0.45 1.44 15.92
N THR A 7 1.65 0.80 15.95
CA THR A 7 2.27 0.42 14.68
C THR A 7 1.39 -0.56 13.95
N SER A 8 0.65 -1.44 14.67
CA SER A 8 -0.20 -2.40 13.95
C SER A 8 -1.25 -1.65 13.17
N ASP A 9 -1.92 -0.68 13.81
CA ASP A 9 -3.01 0.06 13.14
C ASP A 9 -2.49 1.04 12.13
N LEU A 10 -1.43 1.80 12.48
CA LEU A 10 -0.86 2.78 11.57
C LEU A 10 -0.28 2.06 10.37
N SER A 11 0.45 0.94 10.60
CA SER A 11 0.94 0.16 9.47
C SER A 11 -0.24 -0.34 8.68
N LYS A 12 -1.37 -0.74 9.30
CA LYS A 12 -2.51 -1.18 8.51
C LYS A 12 -2.96 -0.03 7.65
N GLN A 13 -2.99 1.23 8.16
CA GLN A 13 -3.35 2.34 7.29
C GLN A 13 -2.35 2.44 6.17
N LYS A 14 -1.02 2.41 6.46
CA LYS A 14 -0.06 2.56 5.38
C LYS A 14 -0.25 1.42 4.40
N ASP A 15 -0.31 0.16 4.86
CA ASP A 15 -0.64 -0.95 3.97
C ASP A 15 -1.92 -0.67 3.21
N GLU A 16 -2.94 -0.07 3.83
CA GLU A 16 -4.21 0.16 3.13
C GLU A 16 -3.95 1.06 1.95
N GLN A 17 -3.33 2.24 2.17
CA GLN A 17 -3.02 3.13 1.06
C GLN A 17 -2.16 2.40 0.07
N ARG A 18 -1.11 1.70 0.54
CA ARG A 18 -0.15 1.10 -0.38
C ARG A 18 -0.83 0.06 -1.22
N ALA A 19 -1.79 -0.72 -0.66
CA ALA A 19 -2.54 -1.63 -1.50
C ALA A 19 -3.31 -0.85 -2.53
N LYS A 20 -3.96 0.27 -2.14
CA LYS A 20 -4.74 1.03 -3.12
C LYS A 20 -3.83 1.60 -4.18
N LEU A 21 -2.60 2.06 -3.83
CA LEU A 21 -1.67 2.52 -4.85
C LEU A 21 -1.30 1.33 -5.73
N PHE A 22 -1.04 0.16 -5.11
CA PHE A 22 -0.68 -1.02 -5.88
C PHE A 22 -1.81 -1.34 -6.85
N ILE A 23 -3.09 -1.25 -6.42
CA ILE A 23 -4.20 -1.47 -7.34
C ILE A 23 -4.12 -0.48 -8.48
N GLU A 24 -3.98 0.84 -8.22
CA GLU A 24 -3.90 1.79 -9.34
C GLU A 24 -2.75 1.39 -10.24
N TRP A 25 -1.61 0.92 -9.68
CA TRP A 25 -0.49 0.49 -10.51
C TRP A 25 -0.82 -0.78 -11.28
N LEU A 26 -1.57 -1.74 -10.70
CA LEU A 26 -2.01 -2.90 -11.49
C LEU A 26 -2.92 -2.42 -12.59
N AIB A 27 -3.85 -1.49 -12.30
CA AIB A 27 -4.77 -0.98 -13.32
C AIB A 27 -3.97 -0.33 -14.42
O AIB A 27 -4.30 -0.48 -15.58
CB1 AIB A 27 -5.67 -2.13 -13.87
CB2 AIB A 27 -5.69 0.11 -12.69
H AIB A 27 -3.90 -1.11 -11.38
HB11 AIB A 27 -5.08 -2.82 -14.48
HB12 AIB A 27 -6.11 -2.68 -13.04
HB13 AIB A 27 -6.46 -1.72 -14.51
HB21 AIB A 27 -6.41 0.49 -13.44
HB22 AIB A 27 -6.24 -0.31 -11.84
HB23 AIB A 27 -5.11 0.97 -12.34
N ALA A 28 -2.87 0.37 -14.06
CA ALA A 28 -2.01 0.98 -15.08
C ALA A 28 -1.34 -0.07 -15.94
N GLY A 29 -1.20 -1.34 -15.47
CA GLY A 29 -0.43 -2.34 -16.21
C GLY A 29 0.28 -3.30 -15.27
N GLY A 30 0.63 -2.89 -14.04
CA GLY A 30 1.43 -3.76 -13.18
C GLY A 30 2.84 -3.67 -13.69
N PRO A 31 3.71 -4.71 -13.68
CA PRO A 31 5.02 -4.58 -14.30
C PRO A 31 4.96 -4.06 -15.72
N SER A 32 3.85 -4.27 -16.46
CA SER A 32 3.76 -3.73 -17.83
C SER A 32 3.83 -2.22 -17.83
N SER A 33 3.29 -1.54 -16.78
CA SER A 33 3.31 -0.07 -16.80
C SER A 33 4.71 0.51 -16.83
N GLY A 34 5.78 -0.27 -16.54
CA GLY A 34 7.15 0.20 -16.70
C GLY A 34 7.84 0.45 -15.39
N ALA A 35 7.18 1.15 -14.43
CA ALA A 35 7.86 1.50 -13.19
C ALA A 35 7.84 0.36 -12.20
N PRO A 36 8.84 0.12 -11.32
CA PRO A 36 8.64 -0.83 -10.24
C PRO A 36 7.38 -0.51 -9.46
N PRO A 37 6.81 -1.41 -8.63
CA PRO A 37 5.57 -1.07 -7.95
C PRO A 37 5.75 0.07 -6.97
N PRO A 38 4.67 0.79 -6.56
CA PRO A 38 4.85 1.94 -5.68
C PRO A 38 5.16 1.49 -4.27
N SER A 39 5.75 2.39 -3.46
CA SER A 39 6.06 2.07 -2.07
C SER A 39 6.81 0.77 -1.96
N NH2 A 40 7.91 0.62 -2.72
HN1 NH2 A 40 8.44 -0.22 -2.66
HN2 NH2 A 40 8.21 1.34 -3.34
C7 EVT B . 7.05 0.37 13.12
C9 EVT B . 7.95 -0.84 13.00
C10 EVT B . 7.06 -2.11 12.79
C11 EVT B . 7.94 -3.35 12.53
C12 EVT B . 10.47 -3.88 9.72
C13 EVT B . 11.92 -4.48 9.74
C14 EVT B . 11.93 -6.02 9.55
O8 EVT B . 6.84 0.85 14.22
C15 EVT B . 13.38 -6.57 9.56
N6 EVT B . 6.53 0.85 11.96
C16 EVT B . 13.41 -8.06 9.14
C17 EVT B . 14.85 -8.65 9.27
C18 EVT B . 14.97 -10.05 8.61
C19 EVT B . 16.36 -10.71 8.81
C20 EVT B . 16.61 -11.16 10.27
C21 EVT B . 17.82 -12.13 10.39
C22 EVT B . 18.06 -12.52 11.87
C23 EVT B . 7.07 -4.58 12.54
O24 EVT B . 6.82 -5.12 13.65
N25 EVT B . 8.66 -3.27 11.26
C26 EVT B . 9.73 -4.06 11.02
O26 EVT B . 6.63 -5.02 11.45
O27 EVT B . 10.10 -4.91 11.82
C29 EVT B . 18.96 -13.78 12.02
C30 EVT B . 19.12 -14.14 13.52
C31 EVT B . 19.93 -15.45 13.71
C32 EVT B . 20.00 -15.84 15.20
C33 EVT B . 4.20 4.42 10.75
O34 EVT B . 3.19 4.60 11.42
C35 EVT B . 5.54 4.54 11.44
C36 EVT B . 6.37 3.24 11.41
C37 EVT B . 5.61 1.99 11.96
C38 EVT B . 4.42 1.64 11.11
O39 EVT B . 3.26 1.74 11.59
O40 EVT B . 4.64 1.26 9.93
H93 EVT B . 8.62 -0.71 12.16
H92 EVT B . 8.56 -0.96 13.92
H103 EVT B . 6.46 -2.26 13.70
H102 EVT B . 6.38 -1.96 11.94
H11 EVT B . 8.67 -3.45 13.35
H122 EVT B . 9.90 -4.34 8.91
H123 EVT B . 10.55 -2.80 9.52
H133 EVT B . 12.40 -4.21 10.70
H132 EVT B . 12.50 -4.03 8.93
H143 EVT B . 11.46 -6.25 8.58
H142 EVT B . 11.35 -6.50 10.35
H153 EVT B . 13.81 -6.45 10.57
H152 EVT B . 14.00 -6.00 8.85
H6 EVT B . 6.77 0.45 11.07
H163 EVT B . 13.06 -8.14 8.09
H162 EVT B . 12.73 -8.65 9.76
H173 EVT B . 15.06 -8.73 10.34
H172 EVT B . 15.59 -7.99 8.81
H183 EVT B . 14.79 -9.94 7.53
H182 EVT B . 14.19 -10.73 8.99
H193 EVT B . 17.16 -10.01 8.52
H192 EVT B . 16.43 -11.60 8.16
H203 EVT B . 15.71 -11.68 10.63
H202 EVT B . 16.80 -10.29 10.91
H213 EVT B . 18.73 -11.66 9.98
H212 EVT B . 17.62 -13.02 9.78
H223 EVT B . 17.09 -12.76 12.33
H222 EVT B . 18.50 -11.68 12.42
H25 EVT B . 8.33 -2.62 10.56
H293 EVT B . 19.94 -13.59 11.56
H292 EVT B . 18.48 -14.62 11.50
H303 EVT B . 18.14 -14.26 13.99
H302 EVT B . 19.65 -13.31 14.04
H313 EVT B . 20.95 -15.31 13.32
H312 EVT B . 19.45 -16.28 13.16
H321 EVT B . 20.44 -15.02 15.78
H323 EVT B . 20.61 -16.75 15.34
H322 EVT B . 18.99 -16.04 15.60
H353 EVT B . 5.38 4.82 12.48
H352 EVT B . 6.11 5.34 10.96
H363 EVT B . 7.28 3.39 12.02
H362 EVT B . 6.69 3.03 10.38
H37 EVT B . 5.27 2.22 12.99
N HIS A 1 1.25 -4.78 23.28
CA HIS A 1 1.50 -3.60 24.13
C HIS A 1 1.00 -2.36 23.43
N AIB A 2 1.07 -1.16 24.06
CA AIB A 2 0.68 0.07 23.37
C AIB A 2 1.32 0.05 22.00
O AIB A 2 0.65 0.28 21.01
CB1 AIB A 2 1.19 1.33 24.14
CB2 AIB A 2 -0.87 0.13 23.30
H AIB A 2 1.42 -1.10 25.01
HB11 AIB A 2 0.93 2.23 23.57
HB12 AIB A 2 0.72 1.40 25.14
HB13 AIB A 2 2.27 1.30 24.30
HB21 AIB A 2 -1.26 0.14 24.32
HB22 AIB A 2 -1.21 1.04 22.77
HB23 AIB A 2 -1.29 -0.75 22.79
N GLN A 3 2.64 -0.26 21.95
CA GLN A 3 3.36 -0.34 20.68
C GLN A 3 2.66 -1.31 19.75
N GLY A 4 2.37 -2.54 20.22
CA GLY A 4 1.68 -3.51 19.37
C GLY A 4 0.42 -2.92 18.75
N THR A 5 -0.38 -2.17 19.53
CA THR A 5 -1.60 -1.59 18.98
C THR A 5 -1.27 -0.49 17.99
N PHE A 6 -0.27 0.38 18.27
CA PHE A 6 0.05 1.44 17.32
C PHE A 6 0.34 0.83 15.97
N THR A 7 1.31 -0.11 15.89
CA THR A 7 1.63 -0.69 14.59
C THR A 7 0.47 -1.43 13.99
N SER A 8 -0.44 -2.02 14.81
CA SER A 8 -1.54 -2.75 14.23
C SER A 8 -2.35 -1.84 13.33
N ASP A 9 -2.81 -0.67 13.83
CA ASP A 9 -3.62 0.20 12.99
C ASP A 9 -2.78 0.91 11.96
N LEU A 10 -1.55 1.37 12.30
CA LEU A 10 -0.75 2.11 11.32
C LEU A 10 -0.39 1.20 10.17
N SER A 11 0.03 -0.06 10.46
CA SER A 11 0.24 -1.00 9.37
C SER A 11 -1.02 -1.12 8.57
N LYS A 12 -2.21 -1.21 9.20
CA LYS A 12 -3.45 -1.32 8.43
C LYS A 12 -3.58 -0.07 7.57
N GLN A 13 -3.33 1.15 8.12
CA GLN A 13 -3.42 2.34 7.28
C GLN A 13 -2.46 2.19 6.11
N LYS A 14 -1.21 1.75 6.37
CA LYS A 14 -0.24 1.67 5.28
C LYS A 14 -0.70 0.58 4.33
N ASP A 15 -0.76 -0.69 4.76
CA ASP A 15 -1.33 -1.73 3.92
C ASP A 15 -2.51 -1.23 3.11
N GLU A 16 -3.42 -0.41 3.69
CA GLU A 16 -4.55 0.07 2.92
C GLU A 16 -4.07 1.01 1.83
N GLN A 17 -3.42 2.14 2.19
CA GLN A 17 -2.97 3.11 1.19
C GLN A 17 -2.07 2.42 0.18
N ARG A 18 -1.12 1.61 0.68
CA ARG A 18 -0.21 0.87 -0.18
C ARG A 18 -1.01 0.00 -1.10
N ALA A 19 -2.05 -0.70 -0.61
CA ALA A 19 -2.85 -1.53 -1.50
C ALA A 19 -3.55 -0.65 -2.50
N LYS A 20 -4.12 0.51 -2.11
CA LYS A 20 -4.79 1.37 -3.09
C LYS A 20 -3.79 1.70 -4.18
N LEU A 21 -2.55 2.10 -3.81
CA LEU A 21 -1.53 2.45 -4.81
C LEU A 21 -1.24 1.25 -5.66
N PHE A 22 -1.07 0.05 -5.05
CA PHE A 22 -0.77 -1.15 -5.83
C PHE A 22 -1.90 -1.41 -6.81
N ILE A 23 -3.18 -1.23 -6.41
CA ILE A 23 -4.29 -1.38 -7.35
C ILE A 23 -4.16 -0.37 -8.47
N GLU A 24 -3.89 0.92 -8.18
CA GLU A 24 -3.76 1.88 -9.28
C GLU A 24 -2.60 1.49 -10.17
N TRP A 25 -1.53 0.91 -9.60
CA TRP A 25 -0.38 0.46 -10.40
C TRP A 25 -0.69 -0.79 -11.20
N LEU A 26 -1.45 -1.75 -10.64
CA LEU A 26 -1.87 -2.89 -11.44
C LEU A 26 -2.74 -2.37 -12.56
N AIB A 27 -3.69 -1.45 -12.25
CA AIB A 27 -4.58 -0.91 -13.28
C AIB A 27 -3.77 -0.20 -14.34
O AIB A 27 -4.07 -0.33 -15.52
CB1 AIB A 27 -5.44 -2.05 -13.89
CB2 AIB A 27 -5.54 0.12 -12.63
H AIB A 27 -3.75 -1.10 -11.32
HB11 AIB A 27 -4.81 -2.76 -14.44
HB12 AIB A 27 -5.93 -2.59 -13.08
HB13 AIB A 27 -6.20 -1.66 -14.58
HB21 AIB A 27 -6.23 0.53 -13.38
HB22 AIB A 27 -6.13 -0.36 -11.83
HB23 AIB A 27 -4.97 0.95 -12.20
N ALA A 28 -2.73 0.55 -13.93
CA ALA A 28 -1.84 1.15 -14.93
C ALA A 28 -1.27 0.06 -15.82
N GLY A 29 -1.02 -1.13 -15.24
CA GLY A 29 -0.49 -2.25 -16.01
C GLY A 29 0.18 -3.31 -15.17
N GLY A 30 0.73 -2.99 -13.97
CA GLY A 30 1.50 -3.99 -13.22
C GLY A 30 2.92 -3.90 -13.71
N PRO A 31 3.77 -4.95 -13.69
CA PRO A 31 5.10 -4.83 -14.28
C PRO A 31 5.02 -4.29 -15.69
N SER A 32 3.90 -4.48 -16.44
CA SER A 32 3.79 -3.89 -17.77
C SER A 32 3.97 -2.39 -17.70
N SER A 33 3.38 -1.70 -16.68
CA SER A 33 3.52 -0.25 -16.60
C SER A 33 4.97 0.18 -16.44
N GLY A 34 5.92 -0.71 -16.12
CA GLY A 34 7.35 -0.37 -16.17
C GLY A 34 7.94 -0.18 -14.80
N ALA A 35 7.32 0.65 -13.93
CA ALA A 35 7.93 0.96 -12.65
C ALA A 35 7.93 -0.23 -11.71
N PRO A 36 8.81 -0.38 -10.70
CA PRO A 36 8.57 -1.41 -9.69
C PRO A 36 7.26 -1.15 -9.00
N PRO A 37 6.61 -2.07 -8.25
CA PRO A 37 5.38 -1.71 -7.57
C PRO A 37 5.64 -0.62 -6.55
N PRO A 38 4.66 0.23 -6.19
CA PRO A 38 4.94 1.34 -5.30
C PRO A 38 5.10 0.91 -3.87
N SER A 39 5.58 1.84 -3.01
CA SER A 39 5.82 1.55 -1.60
C SER A 39 6.58 0.25 -1.43
N NH2 A 40 7.56 -0.04 -2.30
HN1 NH2 A 40 8.08 -0.89 -2.20
HN2 NH2 A 40 7.79 0.58 -3.06
C7 EVT B . 7.35 -2.40 11.44
C9 EVT B . 8.07 -3.64 10.97
C10 EVT B . 7.12 -4.86 10.84
C11 EVT B . 7.92 -6.19 10.73
C12 EVT B . 10.99 -6.97 8.60
C13 EVT B . 12.26 -7.84 8.83
C14 EVT B . 12.02 -9.36 8.61
O8 EVT B . 7.65 -1.93 12.53
C15 EVT B . 13.28 -10.19 8.96
N6 EVT B . 6.38 -1.87 10.66
C16 EVT B . 13.09 -11.69 8.65
C17 EVT B . 14.37 -12.51 9.02
C18 EVT B . 14.20 -14.01 8.65
C19 EVT B . 15.47 -14.86 8.92
C20 EVT B . 15.88 -14.87 10.42
C21 EVT B . 17.03 -15.86 10.73
C22 EVT B . 17.37 -15.85 12.23
C23 EVT B . 6.96 -7.33 10.54
O24 EVT B . 6.61 -8.01 11.55
N25 EVT B . 8.91 -6.20 9.65
C26 EVT B . 9.98 -7.04 9.72
O26 EVT B . 6.57 -7.60 9.37
O27 EVT B . 10.13 -7.82 10.63
C29 EVT B . 18.49 -16.85 12.60
C30 EVT B . 18.77 -16.86 14.13
C31 EVT B . 19.91 -17.84 14.50
C32 EVT B . 20.17 -17.85 16.02
C33 EVT B . 4.56 2.15 10.41
O34 EVT B . 3.65 2.37 11.20
C35 EVT B . 5.94 1.93 10.94
C36 EVT B . 6.51 0.54 10.56
C37 EVT B . 5.66 -0.67 11.05
C38 EVT B . 4.26 -0.70 10.48
O39 EVT B . 3.30 -0.25 11.15
O40 EVT B . 4.11 -1.21 9.34
H93 EVT B . 8.54 -3.42 9.99
H92 EVT B . 8.87 -3.87 11.67
H103 EVT B . 6.49 -4.92 11.74
H102 EVT B . 6.48 -4.75 9.97
H11 EVT B . 8.44 -6.32 11.69
H122 EVT B . 10.51 -7.26 7.65
H123 EVT B . 11.31 -5.93 8.50
H133 EVT B . 12.62 -7.65 9.84
H132 EVT B . 13.05 -7.52 8.12
H143 EVT B . 11.75 -9.52 7.55
H142 EVT B . 11.17 -9.70 9.21
H153 EVT B . 13.51 -10.04 10.02
H152 EVT B . 14.14 -9.81 8.38
H6 EVT B . 6.19 -2.26 9.75
H163 EVT B . 12.87 -11.82 7.59
H162 EVT B . 12.24 -12.08 9.23
H173 EVT B . 14.54 -12.40 10.10
H172 EVT B . 15.23 -12.09 8.48
H183 EVT B . 13.97 -14.07 7.57
H182 EVT B . 13.35 -14.44 9.21
H193 EVT B . 16.30 -14.49 8.31
H192 EVT B . 15.27 -15.90 8.61
H203 EVT B . 15.01 -15.13 11.02
H202 EVT B . 16.22 -13.86 10.72
H213 EVT B . 17.93 -15.60 10.15
H212 EVT B . 16.72 -16.88 10.43
H223 EVT B . 16.46 -16.09 12.81
H222 EVT B . 17.68 -14.84 12.53
H25 EVT B . 8.77 -5.60 8.86
H293 EVT B . 19.41 -16.58 12.05
H292 EVT B . 18.20 -17.87 12.28
H303 EVT B . 17.86 -17.17 14.66
H302 EVT B . 19.03 -15.85 14.46
H313 EVT B . 20.84 -17.55 13.97
H312 EVT B . 19.62 -18.85 14.17
H321 EVT B . 20.52 -16.86 16.37
H323 EVT B . 20.96 -18.59 16.27
H322 EVT B . 19.26 -18.12 16.57
H353 EVT B . 5.98 2.04 12.03
H352 EVT B . 6.59 2.72 10.51
H363 EVT B . 7.52 0.46 11.00
H362 EVT B . 6.64 0.46 9.47
H37 EVT B . 5.56 -0.61 12.15
N HIS A 1 3.01 -0.16 24.58
CA HIS A 1 2.77 1.28 24.85
C HIS A 1 1.75 1.83 23.88
N AIB A 2 1.13 2.99 24.20
CA AIB A 2 0.23 3.63 23.25
C AIB A 2 0.89 3.70 21.90
O AIB A 2 0.23 3.44 20.90
CB1 AIB A 2 -0.03 5.10 23.69
CB2 AIB A 2 -1.12 2.87 23.25
H AIB A 2 1.30 3.43 25.08
HB11 AIB A 2 -0.65 5.61 22.95
HB12 AIB A 2 -0.55 5.13 24.67
HB13 AIB A 2 0.92 5.64 23.80
HB21 AIB A 2 -1.53 2.81 24.27
HB22 AIB A 2 -1.85 3.40 22.62
HB23 AIB A 2 -0.99 1.85 22.86
N GLN A 3 2.20 4.03 21.86
CA GLN A 3 2.92 4.13 20.59
C GLN A 3 2.74 2.87 19.78
N GLY A 4 2.95 1.69 20.40
CA GLY A 4 2.76 0.43 19.66
C GLY A 4 1.44 0.41 18.93
N THR A 5 0.36 0.91 19.57
CA THR A 5 -0.93 0.96 18.90
C THR A 5 -0.96 2.06 17.87
N PHE A 6 -0.34 3.24 18.10
CA PHE A 6 -0.33 4.27 17.05
C PHE A 6 0.18 3.66 15.76
N THR A 7 1.38 3.05 15.78
CA THR A 7 1.92 2.50 14.56
C THR A 7 0.99 1.44 14.02
N SER A 8 0.25 0.70 14.87
CA SER A 8 -0.61 -0.34 14.35
C SER A 8 -1.64 0.25 13.41
N ASP A 9 -2.31 1.36 13.79
CA ASP A 9 -3.34 1.94 12.94
C ASP A 9 -2.69 2.67 11.79
N LEU A 10 -1.63 3.47 12.04
CA LEU A 10 -1.00 4.19 10.94
C LEU A 10 -0.53 3.21 9.89
N SER A 11 0.04 2.06 10.30
CA SER A 11 0.44 1.05 9.33
C SER A 11 -0.78 0.53 8.63
N LYS A 12 -1.87 0.16 9.35
CA LYS A 12 -3.05 -0.35 8.66
C LYS A 12 -3.47 0.67 7.63
N GLN A 13 -3.55 1.97 8.03
CA GLN A 13 -3.92 3.02 7.09
C GLN A 13 -2.95 3.05 5.93
N LYS A 14 -1.62 2.95 6.15
CA LYS A 14 -0.70 2.94 5.03
C LYS A 14 -0.96 1.67 4.24
N ASP A 15 -0.79 0.46 4.81
CA ASP A 15 -1.14 -0.76 4.11
C ASP A 15 -2.43 -0.59 3.32
N GLU A 16 -3.44 0.14 3.83
CA GLU A 16 -4.68 0.33 3.08
C GLU A 16 -4.40 1.18 1.85
N GLN A 17 -3.75 2.35 2.04
CA GLN A 17 -3.46 3.24 0.91
C GLN A 17 -2.44 2.59 0.01
N ARG A 18 -1.29 2.16 0.57
CA ARG A 18 -0.28 1.44 -0.20
C ARG A 18 -0.92 0.35 -1.01
N ALA A 19 -1.84 -0.45 -0.45
CA ALA A 19 -2.48 -1.49 -1.26
C ALA A 19 -3.23 -0.82 -2.39
N LYS A 20 -4.01 0.25 -2.09
CA LYS A 20 -4.72 0.96 -3.16
C LYS A 20 -3.74 1.52 -4.18
N LEU A 21 -2.53 1.98 -3.78
CA LEU A 21 -1.55 2.45 -4.76
C LEU A 21 -1.16 1.27 -5.63
N PHE A 22 -0.89 0.09 -5.02
CA PHE A 22 -0.54 -1.09 -5.82
C PHE A 22 -1.66 -1.39 -6.78
N ILE A 23 -2.95 -1.28 -6.37
CA ILE A 23 -4.04 -1.46 -7.34
C ILE A 23 -3.90 -0.44 -8.45
N GLU A 24 -3.63 0.85 -8.16
CA GLU A 24 -3.50 1.82 -9.25
C GLU A 24 -2.37 1.40 -10.16
N TRP A 25 -1.24 0.93 -9.58
CA TRP A 25 -0.12 0.44 -10.40
C TRP A 25 -0.55 -0.75 -11.23
N LEU A 26 -1.30 -1.71 -10.65
CA LEU A 26 -1.79 -2.85 -11.45
C LEU A 26 -2.65 -2.34 -12.58
N AIB A 27 -3.59 -1.42 -12.28
CA AIB A 27 -4.50 -0.90 -13.30
C AIB A 27 -3.71 -0.20 -14.39
O AIB A 27 -4.05 -0.31 -15.56
CB1 AIB A 27 -5.38 -2.05 -13.89
CB2 AIB A 27 -5.44 0.15 -12.67
H AIB A 27 -3.64 -1.04 -11.36
HB11 AIB A 27 -4.78 -2.79 -14.43
HB12 AIB A 27 -5.90 -2.56 -13.08
HB13 AIB A 27 -6.12 -1.64 -14.59
HB21 AIB A 27 -6.14 0.56 -13.43
HB22 AIB A 27 -6.01 -0.31 -11.86
HB23 AIB A 27 -4.87 1.00 -12.25
N ALA A 28 -2.62 0.51 -14.00
CA ALA A 28 -1.78 1.15 -15.00
C ALA A 28 -0.98 0.15 -15.82
N GLY A 29 -0.96 -1.15 -15.46
CA GLY A 29 -0.18 -2.13 -16.20
C GLY A 29 0.42 -3.18 -15.29
N GLY A 30 0.77 -2.84 -14.02
CA GLY A 30 1.48 -3.79 -13.19
C GLY A 30 2.87 -3.89 -13.75
N PRO A 31 3.52 -5.07 -13.85
CA PRO A 31 4.79 -5.15 -14.56
C PRO A 31 4.76 -4.52 -15.93
N SER A 32 3.59 -4.45 -16.62
CA SER A 32 3.54 -3.86 -17.94
C SER A 32 3.64 -2.36 -17.91
N SER A 33 3.29 -1.69 -16.79
CA SER A 33 3.20 -0.24 -16.82
C SER A 33 4.51 0.38 -17.26
N GLY A 34 5.63 -0.04 -16.63
CA GLY A 34 6.90 0.65 -16.83
C GLY A 34 7.32 1.24 -15.50
N ALA A 35 6.37 1.85 -14.75
CA ALA A 35 6.72 2.41 -13.44
C ALA A 35 6.94 1.27 -12.47
N PRO A 36 7.95 1.23 -11.58
CA PRO A 36 8.01 0.16 -10.58
C PRO A 36 6.76 0.10 -9.73
N PRO A 37 6.50 -0.95 -8.93
CA PRO A 37 5.37 -0.91 -8.01
C PRO A 37 5.71 0.08 -6.91
N PRO A 38 4.76 0.62 -6.11
CA PRO A 38 5.11 1.62 -5.12
C PRO A 38 5.74 0.98 -3.90
N SER A 39 6.96 0.42 -4.02
CA SER A 39 7.58 -0.20 -2.86
C SER A 39 7.95 0.89 -1.89
N NH2 A 40 8.73 1.89 -2.33
HN1 NH2 A 40 9.02 2.62 -1.72
HN2 NH2 A 40 9.02 1.94 -3.29
C7 EVT B . 7.76 0.81 11.27
C9 EVT B . 8.40 -0.55 11.32
C10 EVT B . 7.92 -1.55 10.25
C11 EVT B . 8.96 -2.70 10.06
C12 EVT B . 12.52 -1.46 9.50
C13 EVT B . 13.91 -1.65 10.17
C14 EVT B . 14.52 -3.04 9.86
O8 EVT B . 6.99 1.13 12.17
C15 EVT B . 15.93 -3.18 10.49
N6 EVT B . 8.10 1.62 10.25
C16 EVT B . 16.53 -4.58 10.24
C17 EVT B . 17.87 -4.77 11.00
C18 EVT B . 18.36 -6.23 10.89
C19 EVT B . 19.67 -6.48 11.69
C20 EVT B . 19.45 -6.41 13.23
C21 EVT B . 20.74 -6.76 14.01
C22 EVT B . 20.57 -6.59 15.54
C23 EVT B . 8.43 -3.75 9.14
O24 EVT B . 7.36 -4.34 9.44
N25 EVT B . 10.18 -2.11 9.51
C26 EVT B . 11.39 -2.25 10.11
O26 EVT B . 9.10 -4.00 8.09
O27 EVT B . 11.58 -2.94 11.10
C29 EVT B . 21.89 -6.96 16.27
C30 EVT B . 21.91 -6.58 17.77
C31 EVT B . 22.46 -5.16 18.09
C32 EVT B . 21.60 -3.98 17.55
C33 EVT B . 4.37 4.93 9.53
O34 EVT B . 3.61 5.50 10.30
C35 EVT B . 5.81 4.75 9.93
C36 EVT B . 6.16 3.26 10.18
C37 EVT B . 7.70 3.03 10.20
C38 EVT B . 8.37 3.75 11.34
O39 EVT B . 7.82 3.74 12.47
O40 EVT B . 9.46 4.35 11.12
H93 EVT B . 9.48 -0.38 11.17
H92 EVT B . 8.29 -1.01 12.32
H103 EVT B . 6.93 -1.93 10.55
H102 EVT B . 7.80 -1.05 9.28
H11 EVT B . 9.14 -3.17 11.04
H122 EVT B . 12.60 -1.72 8.43
H123 EVT B . 12.23 -0.40 9.57
H133 EVT B . 13.82 -1.50 11.26
H132 EVT B . 14.58 -0.87 9.78
H143 EVT B . 14.60 -3.17 8.76
H142 EVT B . 13.87 -3.83 10.26
H153 EVT B . 15.86 -2.99 11.57
H152 EVT B . 16.61 -2.42 10.06
H6 EVT B . 8.70 1.28 9.52
H163 EVT B . 16.69 -4.73 9.16
H162 EVT B . 15.80 -5.34 10.59
H173 EVT B . 17.69 -4.50 12.05
H172 EVT B . 18.62 -4.08 10.59
H183 EVT B . 18.56 -6.46 9.83
H182 EVT B . 17.58 -6.92 11.25
H193 EVT B . 20.42 -5.74 11.37
H192 EVT B . 20.05 -7.48 11.45
H203 EVT B . 18.65 -7.10 13.51
H202 EVT B . 19.16 -5.39 13.52
H213 EVT B . 21.55 -6.09 13.68
H212 EVT B . 21.05 -7.79 13.78
H223 EVT B . 19.76 -7.25 15.89
H222 EVT B . 20.27 -5.57 15.74
H25 EVT B . 10.09 -1.55 8.69
H293 EVT B . 22.76 -6.49 15.79
H292 EVT B . 22.00 -8.05 16.17
H303 EVT B . 22.58 -7.29 18.29
H302 EVT B . 20.90 -6.70 18.20
H313 EVT B . 23.48 -5.07 17.69
H312 EVT B . 22.53 -5.04 19.19
H321 EVT B . 21.69 -3.91 16.46
H323 EVT B . 21.95 -3.04 17.98
H322 EVT B . 20.55 -4.14 17.82
H353 EVT B . 6.04 5.33 10.83
H352 EVT B . 6.42 5.17 9.12
H363 EVT B . 5.76 2.62 9.37
H362 EVT B . 5.69 2.94 11.11
H37 EVT B . 8.10 3.46 9.28
N HIS A 1 0.92 -4.66 22.86
CA HIS A 1 1.38 -3.54 23.72
C HIS A 1 0.77 -2.24 23.28
N AIB A 2 1.04 -1.10 23.98
CA AIB A 2 0.57 0.20 23.50
C AIB A 2 0.82 0.30 22.01
O AIB A 2 -0.06 0.72 21.28
CB1 AIB A 2 1.36 1.36 24.17
CB2 AIB A 2 -0.93 0.33 23.86
H AIB A 2 1.58 -1.13 24.83
HB11 AIB A 2 1.05 2.33 23.74
HB12 AIB A 2 1.16 1.38 25.25
HB13 AIB A 2 2.44 1.24 24.01
HB21 AIB A 2 -1.06 0.19 24.95
HB22 AIB A 2 -1.31 1.33 23.59
HB23 AIB A 2 -1.53 -0.41 23.33
N GLN A 3 2.02 -0.11 21.55
CA GLN A 3 2.32 -0.09 20.13
C GLN A 3 1.26 -0.88 19.40
N GLY A 4 0.95 -2.12 19.85
CA GLY A 4 -0.10 -2.93 19.22
C GLY A 4 -1.27 -2.08 18.78
N THR A 5 -1.85 -1.30 19.71
CA THR A 5 -2.98 -0.44 19.35
C THR A 5 -2.60 0.47 18.21
N PHE A 6 -1.47 1.19 18.31
CA PHE A 6 -1.09 2.11 17.24
C PHE A 6 -0.72 1.31 16.01
N THR A 7 0.40 0.55 16.00
CA THR A 7 0.85 -0.07 14.75
C THR A 7 -0.24 -0.88 14.09
N SER A 8 -1.14 -1.54 14.85
CA SER A 8 -2.16 -2.35 14.18
C SER A 8 -2.97 -1.45 13.27
N ASP A 9 -3.56 -0.35 13.78
CA ASP A 9 -4.38 0.51 12.93
C ASP A 9 -3.53 1.35 12.03
N LEU A 10 -2.46 1.98 12.54
CA LEU A 10 -1.60 2.80 11.67
C LEU A 10 -1.13 1.97 10.51
N SER A 11 -0.80 0.68 10.72
CA SER A 11 -0.40 -0.18 9.61
C SER A 11 -1.59 -0.43 8.73
N LYS A 12 -2.78 -0.76 9.27
CA LYS A 12 -3.95 -0.98 8.41
C LYS A 12 -4.11 0.23 7.52
N GLN A 13 -3.96 1.45 8.07
CA GLN A 13 -4.05 2.65 7.25
C GLN A 13 -2.94 2.66 6.22
N LYS A 14 -1.66 2.49 6.61
CA LYS A 14 -0.59 2.52 5.60
C LYS A 14 -0.84 1.41 4.61
N ASP A 15 -0.88 0.14 5.06
CA ASP A 15 -1.21 -0.98 4.16
C ASP A 15 -2.37 -0.63 3.25
N GLU A 16 -3.42 0.07 3.73
CA GLU A 16 -4.55 0.37 2.84
C GLU A 16 -4.09 1.29 1.74
N GLN A 17 -3.39 2.41 2.06
CA GLN A 17 -2.90 3.29 1.00
C GLN A 17 -1.95 2.54 0.09
N ARG A 18 -1.03 1.75 0.68
CA ARG A 18 -0.05 1.02 -0.13
C ARG A 18 -0.78 0.10 -1.05
N ALA A 19 -1.84 -0.60 -0.56
CA ALA A 19 -2.62 -1.47 -1.43
C ALA A 19 -3.29 -0.64 -2.51
N LYS A 20 -3.96 0.47 -2.15
CA LYS A 20 -4.61 1.29 -3.17
C LYS A 20 -3.62 1.71 -4.22
N LEU A 21 -2.38 2.09 -3.84
CA LEU A 21 -1.38 2.43 -4.85
C LEU A 21 -1.12 1.19 -5.68
N PHE A 22 -0.97 0.01 -5.05
CA PHE A 22 -0.72 -1.21 -5.80
C PHE A 22 -1.85 -1.47 -6.76
N ILE A 23 -3.13 -1.25 -6.36
CA ILE A 23 -4.26 -1.49 -7.27
C ILE A 23 -4.13 -0.56 -8.45
N GLU A 24 -3.94 0.76 -8.22
CA GLU A 24 -3.84 1.68 -9.35
C GLU A 24 -2.65 1.29 -10.21
N TRP A 25 -1.54 0.83 -9.60
CA TRP A 25 -0.38 0.40 -10.38
C TRP A 25 -0.71 -0.82 -11.23
N LEU A 26 -1.43 -1.83 -10.67
CA LEU A 26 -1.82 -2.98 -11.48
C LEU A 26 -2.72 -2.49 -12.58
N AIB A 27 -3.75 -1.66 -12.26
CA AIB A 27 -4.70 -1.21 -13.29
C AIB A 27 -3.93 -0.51 -14.40
O AIB A 27 -4.20 -0.75 -15.56
CB1 AIB A 27 -5.51 -2.43 -13.82
CB2 AIB A 27 -5.70 -0.19 -12.68
H AIB A 27 -3.85 -1.33 -11.33
HB11 AIB A 27 -4.86 -3.16 -14.30
HB12 AIB A 27 -6.02 -2.94 -12.97
HB13 AIB A 27 -6.26 -2.11 -14.55
HB21 AIB A 27 -6.41 0.16 -13.45
HB22 AIB A 27 -6.26 -0.67 -11.86
HB23 AIB A 27 -5.17 0.68 -12.28
N ALA A 28 -2.95 0.33 -14.01
CA ALA A 28 -2.15 1.03 -15.03
C ALA A 28 -1.44 0.06 -15.94
N GLY A 29 -1.09 -1.15 -15.44
CA GLY A 29 -0.27 -2.07 -16.22
C GLY A 29 0.44 -3.11 -15.37
N GLY A 30 0.81 -2.78 -14.10
CA GLY A 30 1.57 -3.75 -13.31
C GLY A 30 2.98 -3.74 -13.85
N PRO A 31 3.73 -4.87 -13.94
CA PRO A 31 5.04 -4.83 -14.58
C PRO A 31 4.97 -4.24 -15.98
N SER A 32 3.83 -4.33 -16.70
CA SER A 32 3.75 -3.76 -18.03
C SER A 32 3.90 -2.25 -18.02
N SER A 33 3.37 -1.55 -16.98
CA SER A 33 3.37 -0.10 -17.01
C SER A 33 4.76 0.47 -17.19
N GLY A 34 5.79 -0.17 -16.60
CA GLY A 34 7.14 0.39 -16.65
C GLY A 34 7.50 1.08 -15.35
N ALA A 35 6.53 1.53 -14.52
CA ALA A 35 6.87 2.19 -13.27
C ALA A 35 7.27 1.15 -12.26
N PRO A 36 8.44 1.17 -11.57
CA PRO A 36 8.67 0.21 -10.50
C PRO A 36 7.51 0.11 -9.55
N PRO A 37 7.15 -1.02 -8.93
CA PRO A 37 5.91 -1.08 -8.16
C PRO A 37 5.99 -0.24 -6.92
N PRO A 38 4.87 0.23 -6.31
CA PRO A 38 4.95 0.98 -5.07
C PRO A 38 5.13 -0.03 -3.96
N SER A 39 6.36 -0.59 -3.84
CA SER A 39 6.59 -1.68 -2.90
C SER A 39 7.98 -1.55 -2.32
N NH2 A 40 8.22 -0.52 -1.49
HN1 NH2 A 40 9.13 -0.39 -1.08
HN2 NH2 A 40 7.50 0.14 -1.28
C7 EVT B . 8.14 0.19 11.31
C9 EVT B . 9.11 -0.98 11.31
C10 EVT B . 9.96 -1.05 10.01
C11 EVT B . 10.87 -2.31 10.02
C12 EVT B . 14.03 -2.94 7.96
C13 EVT B . 15.32 -3.77 8.23
C14 EVT B . 15.09 -5.29 8.12
O8 EVT B . 6.96 -0.06 11.17
C15 EVT B . 16.34 -6.11 8.54
N6 EVT B . 8.65 1.43 11.47
C16 EVT B . 16.10 -7.64 8.43
C17 EVT B . 17.27 -8.45 9.05
C18 EVT B . 16.94 -9.97 9.07
C19 EVT B . 18.12 -10.84 9.58
C20 EVT B . 18.57 -10.49 11.03
C21 EVT B . 19.59 -11.52 11.58
C22 EVT B . 20.10 -11.12 12.99
C23 EVT B . 10.01 -3.53 9.86
O24 EVT B . 9.74 -4.23 10.87
N25 EVT B . 11.88 -2.31 8.95
C26 EVT B . 13.04 -2.97 9.10
O26 EVT B . 9.61 -3.81 8.70
O27 EVT B . 13.33 -3.58 10.13
C29 EVT B . 21.02 -12.22 13.59
C30 EVT B . 21.58 -11.84 15.00
C31 EVT B . 22.75 -10.82 14.94
C32 EVT B . 23.25 -10.46 16.36
C33 EVT B . 4.38 4.13 10.25
O34 EVT B . 3.95 5.27 10.10
C35 EVT B . 5.73 4.01 10.91
C36 EVT B . 6.37 2.59 11.01
C37 EVT B . 7.82 2.64 11.59
C38 EVT B . 7.80 3.05 13.04
O39 EVT B . 8.06 4.26 13.32
O40 EVT B . 7.54 2.17 13.89
H93 EVT B . 9.78 -0.87 12.17
H92 EVT B . 8.56 -1.91 11.44
H103 EVT B . 9.28 -1.09 9.13
H102 EVT B . 10.58 -0.15 9.93
H11 EVT B . 11.37 -2.34 11.01
H122 EVT B . 13.54 -3.31 7.04
H123 EVT B . 14.31 -1.89 7.81
H133 EVT B . 15.72 -3.50 9.21
H132 EVT B . 16.09 -3.49 7.49
H143 EVT B . 14.81 -5.54 7.09
H142 EVT B . 14.24 -5.58 8.77
H153 EVT B . 16.59 -5.86 9.57
H152 EVT B . 17.20 -5.83 7.89
H6 EVT B . 9.64 1.56 11.59
H163 EVT B . 15.97 -7.92 7.37
H162 EVT B . 15.17 -7.89 8.97
H173 EVT B . 17.42 -8.10 10.07
H172 EVT B . 18.19 -8.28 8.47
H183 EVT B . 16.68 -10.30 8.05
H182 EVT B . 16.07 -10.15 9.71
H193 EVT B . 18.98 -10.73 8.90
H192 EVT B . 17.80 -11.90 9.55
H203 EVT B . 17.68 -10.46 11.68
H202 EVT B . 19.03 -9.49 11.03
H213 EVT B . 20.45 -11.60 10.89
H212 EVT B . 19.11 -12.51 11.63
H223 EVT B . 19.24 -10.98 13.66
H222 EVT B . 20.64 -10.15 12.90
H25 EVT B . 11.64 -1.85 8.10
H293 EVT B . 21.85 -12.42 12.91
H292 EVT B . 20.41 -13.12 13.68
H303 EVT B . 21.96 -12.76 15.47
H302 EVT B . 20.76 -11.47 15.63
H313 EVT B . 22.42 -9.89 14.46
H312 EVT B . 23.58 -11.25 14.37
H321 EVT B . 22.43 -9.98 16.93
H323 EVT B . 24.09 -9.76 16.30
H322 EVT B . 23.57 -11.36 16.90
H353 EVT B . 5.66 4.42 11.92
H352 EVT B . 6.41 4.65 10.33
H363 EVT B . 6.43 2.15 10.02
H362 EVT B . 5.72 1.97 11.67
H37 EVT B . 8.35 3.42 11.01
N HIS A 1 1.97 -2.02 23.61
CA HIS A 1 1.75 -0.73 24.32
C HIS A 1 0.57 -0.01 23.71
N AIB A 2 0.01 1.02 24.40
CA AIB A 2 -1.10 1.79 23.81
C AIB A 2 -0.69 2.19 22.40
O AIB A 2 -1.48 2.05 21.49
CB1 AIB A 2 -1.34 3.11 24.60
CB2 AIB A 2 -2.40 0.95 23.85
H AIB A 2 0.35 1.28 25.31
HB11 AIB A 2 -0.42 3.71 24.66
HB12 AIB A 2 -2.11 3.71 24.11
HB13 AIB A 2 -1.66 2.90 25.64
HB21 AIB A 2 -2.63 0.66 24.89
HB22 AIB A 2 -3.24 1.52 23.45
HB23 AIB A 2 -2.28 0.03 23.26
N GLN A 3 0.56 2.67 22.22
CA GLN A 3 1.01 3.04 20.88
C GLN A 3 0.84 1.84 19.98
N GLY A 4 1.34 0.64 20.36
CA GLY A 4 1.14 -0.57 19.56
C GLY A 4 -0.20 -0.57 18.87
N THR A 5 -1.28 -0.35 19.65
CA THR A 5 -2.62 -0.34 19.08
C THR A 5 -2.75 0.77 18.06
N PHE A 6 -2.38 2.02 18.38
CA PHE A 6 -2.57 3.10 17.40
C PHE A 6 -1.61 2.94 16.24
N THR A 7 -0.28 2.81 16.46
CA THR A 7 0.62 2.67 15.32
C THR A 7 0.20 1.51 14.44
N SER A 8 -0.32 0.39 15.00
CA SER A 8 -0.77 -0.69 14.12
C SER A 8 -1.87 -0.16 13.23
N ASP A 9 -2.79 0.67 13.76
CA ASP A 9 -3.78 1.30 12.90
C ASP A 9 -3.11 2.25 11.94
N LEU A 10 -2.05 3.01 12.33
CA LEU A 10 -1.35 3.83 11.34
C LEU A 10 -0.88 2.93 10.22
N SER A 11 -0.33 1.73 10.49
CA SER A 11 0.07 0.85 9.39
C SER A 11 -1.15 0.33 8.67
N LYS A 12 -2.28 0.03 9.33
CA LYS A 12 -3.47 -0.39 8.58
C LYS A 12 -3.78 0.72 7.59
N GLN A 13 -3.75 1.99 8.04
CA GLN A 13 -4.00 3.10 7.13
C GLN A 13 -2.95 3.11 6.05
N LYS A 14 -1.65 2.99 6.35
CA LYS A 14 -0.65 2.98 5.27
C LYS A 14 -0.94 1.76 4.42
N ASP A 15 -0.76 0.53 4.95
CA ASP A 15 -1.04 -0.69 4.20
C ASP A 15 -2.27 -0.57 3.32
N GLU A 16 -3.35 0.07 3.80
CA GLU A 16 -4.55 0.23 2.97
C GLU A 16 -4.20 1.12 1.80
N GLN A 17 -3.65 2.33 2.06
CA GLN A 17 -3.26 3.21 0.95
C GLN A 17 -2.27 2.48 0.08
N ARG A 18 -1.19 1.93 0.65
CA ARG A 18 -0.18 1.24 -0.15
C ARG A 18 -0.84 0.23 -1.04
N ALA A 19 -1.78 -0.60 -0.53
CA ALA A 19 -2.45 -1.56 -1.39
C ALA A 19 -3.23 -0.82 -2.47
N LYS A 20 -3.98 0.24 -2.11
CA LYS A 20 -4.72 0.97 -3.14
C LYS A 20 -3.75 1.53 -4.17
N LEU A 21 -2.55 2.01 -3.77
CA LEU A 21 -1.58 2.49 -4.76
C LEU A 21 -1.21 1.32 -5.64
N PHE A 22 -0.97 0.13 -5.04
CA PHE A 22 -0.62 -1.05 -5.82
C PHE A 22 -1.74 -1.38 -6.78
N ILE A 23 -3.03 -1.24 -6.39
CA ILE A 23 -4.12 -1.49 -7.33
C ILE A 23 -4.06 -0.45 -8.43
N GLU A 24 -3.85 0.86 -8.14
CA GLU A 24 -3.73 1.83 -9.23
C GLU A 24 -2.61 1.37 -10.15
N TRP A 25 -1.48 0.89 -9.58
CA TRP A 25 -0.36 0.43 -10.40
C TRP A 25 -0.74 -0.79 -11.22
N LEU A 26 -1.48 -1.76 -10.66
CA LEU A 26 -1.91 -2.90 -11.46
C LEU A 26 -2.80 -2.40 -12.57
N AIB A 27 -3.77 -1.49 -12.28
CA AIB A 27 -4.66 -0.95 -13.31
C AIB A 27 -3.83 -0.25 -14.36
O AIB A 27 -4.13 -0.37 -15.54
CB1 AIB A 27 -5.54 -2.07 -13.92
CB2 AIB A 27 -5.60 0.11 -12.68
H AIB A 27 -3.85 -1.15 -11.34
HB11 AIB A 27 -6.07 -2.60 -13.13
HB12 AIB A 27 -6.28 -1.65 -14.62
HB13 AIB A 27 -4.94 -2.80 -14.48
HB21 AIB A 27 -6.29 0.52 -13.42
HB22 AIB A 27 -6.19 -0.34 -11.86
HB23 AIB A 27 -5.03 0.95 -12.25
N ALA A 28 -2.76 0.47 -13.96
CA ALA A 28 -1.88 1.12 -14.92
C ALA A 28 -1.16 0.12 -15.80
N GLY A 29 -1.07 -1.16 -15.41
CA GLY A 29 -0.31 -2.15 -16.19
C GLY A 29 0.33 -3.20 -15.31
N GLY A 30 0.72 -2.88 -14.05
CA GLY A 30 1.48 -3.83 -13.26
C GLY A 30 2.91 -3.80 -13.78
N PRO A 31 3.69 -4.90 -13.81
CA PRO A 31 5.00 -4.84 -14.47
C PRO A 31 4.92 -4.26 -15.86
N SER A 32 3.79 -4.42 -16.59
CA SER A 32 3.70 -3.84 -17.92
C SER A 32 3.86 -2.35 -17.86
N SER A 33 3.31 -1.67 -16.83
CA SER A 33 3.37 -0.21 -16.78
C SER A 33 4.78 0.30 -16.97
N GLY A 34 5.80 -0.43 -16.49
CA GLY A 34 7.18 0.05 -16.60
C GLY A 34 7.59 0.67 -15.29
N ALA A 35 6.72 1.50 -14.67
CA ALA A 35 7.06 2.08 -13.38
C ALA A 35 7.28 0.97 -12.38
N PRO A 36 8.41 0.81 -11.65
CA PRO A 36 8.44 -0.18 -10.58
C PRO A 36 7.26 -0.04 -9.64
N PRO A 37 6.81 -1.06 -8.88
CA PRO A 37 5.61 -0.88 -8.07
C PRO A 37 5.84 0.10 -6.94
N PRO A 38 4.78 0.77 -6.38
CA PRO A 38 4.99 1.79 -5.37
C PRO A 38 5.19 1.15 -4.01
N SER A 39 6.33 0.47 -3.76
CA SER A 39 6.52 -0.20 -2.48
C SER A 39 6.89 0.80 -1.40
N NH2 A 40 7.90 1.66 -1.63
HN1 NH2 A 40 8.16 2.32 -0.93
HN2 NH2 A 40 8.42 1.63 -2.49
C7 EVT B . 10.54 5.89 10.65
C9 EVT B . 11.97 5.52 10.34
C10 EVT B . 12.96 6.62 10.81
C11 EVT B . 14.44 6.22 10.62
C12 EVT B . 16.26 8.83 12.74
C13 EVT B . 17.72 8.44 13.07
C14 EVT B . 18.41 7.70 11.89
O8 EVT B . 10.23 7.07 10.73
C15 EVT B . 19.92 7.53 12.13
N6 EVT B . 9.64 4.89 10.84
C16 EVT B . 20.62 6.69 11.02
C17 EVT B . 22.16 6.79 11.15
C18 EVT B . 22.89 5.95 10.07
C19 EVT B . 24.44 6.16 10.08
C20 EVT B . 25.16 5.51 11.29
C21 EVT B . 26.66 5.89 11.33
C22 EVT B . 27.41 5.21 12.50
C23 EVT B . 14.71 5.90 9.18
O24 EVT B . 14.97 4.72 8.85
N25 EVT B . 15.29 7.35 11.04
C26 EVT B . 15.46 7.62 12.36
O26 EVT B . 14.66 6.85 8.35
O27 EVT B . 14.99 6.93 13.25
C29 EVT B . 28.88 5.70 12.62
C30 EVT B . 29.74 4.87 13.60
C31 EVT B . 29.25 4.94 15.07
C32 EVT B . 30.18 4.15 16.03
C33 EVT B . 4.86 6.01 9.48
O34 EVT B . 4.58 7.18 9.26
C35 EVT B . 5.89 5.71 10.55
C36 EVT B . 7.34 5.49 10.08
C37 EVT B . 8.27 5.17 11.28
C38 EVT B . 7.78 4.00 12.10
O39 EVT B . 7.08 4.22 13.12
O40 EVT B . 8.12 2.84 11.73
H93 EVT B . 12.22 4.59 10.86
H92 EVT B . 12.07 5.36 9.25
H103 EVT B . 12.77 7.55 10.26
H102 EVT B . 12.77 6.82 11.87
H11 EVT B . 14.69 5.34 11.24
H122 EVT B . 16.26 9.58 11.94
H123 EVT B . 15.80 9.29 13.63
H133 EVT B . 17.73 7.78 13.96
H132 EVT B . 18.29 9.35 13.32
H143 EVT B . 18.26 8.28 10.96
H142 EVT B . 17.94 6.71 11.75
H153 EVT B . 20.09 7.04 13.10
H152 EVT B . 20.38 8.53 12.17
H6 EVT B . 9.91 3.93 10.71
H163 EVT B . 20.30 7.06 10.04
H162 EVT B . 20.29 5.65 11.11
H173 EVT B . 22.45 6.46 12.15
H172 EVT B . 22.45 7.84 11.03
H183 EVT B . 22.52 6.28 9.08
H182 EVT B . 22.64 4.89 10.19
H193 EVT B . 24.65 7.23 10.05
H192 EVT B . 24.85 5.71 9.16
H203 EVT B . 25.05 4.42 11.24
H202 EVT B . 24.70 5.84 12.22
H213 EVT B . 26.75 6.99 11.44
H212 EVT B . 27.14 5.60 10.38
H223 EVT B . 27.39 4.11 12.34
H222 EVT B . 26.87 5.43 13.44
H25 EVT B . 15.68 7.93 10.33
H293 EVT B . 28.88 6.76 12.93
H292 EVT B . 29.34 5.64 11.63
H303 EVT B . 30.78 5.24 13.56
H302 EVT B . 29.76 3.81 13.27
H313 EVT B . 28.24 4.52 15.13
H312 EVT B . 29.22 5.99 15.39
H321 EVT B . 30.19 3.09 15.76
H323 EVT B . 29.80 4.23 17.06
H322 EVT B . 31.21 4.55 16.00
H353 EVT B . 5.54 4.81 11.08
H352 EVT B . 5.87 6.54 11.28
H363 EVT B . 7.71 6.39 9.58
H362 EVT B . 7.36 4.66 9.36
H37 EVT B . 8.29 6.04 11.96
N HIS A 1 -0.93 0.34 25.54
CA HIS A 1 -1.54 1.68 25.35
C HIS A 1 -2.80 1.59 24.53
N AIB A 2 -3.89 2.30 24.90
CA AIB A 2 -5.08 2.34 24.04
C AIB A 2 -4.67 2.79 22.65
O AIB A 2 -5.23 2.31 21.68
CB1 AIB A 2 -6.08 3.41 24.57
CB2 AIB A 2 -5.78 0.96 24.03
H AIB A 2 -3.89 2.85 25.73
HB11 AIB A 2 -5.63 4.41 24.58
HB12 AIB A 2 -6.98 3.45 23.94
HB13 AIB A 2 -6.38 3.16 25.60
HB21 AIB A 2 -6.07 0.70 25.07
HB22 AIB A 2 -6.70 0.99 23.42
HB23 AIB A 2 -5.13 0.17 23.63
N GLN A 3 -3.67 3.71 22.55
CA GLN A 3 -3.17 4.14 21.24
C GLN A 3 -2.88 2.95 20.37
N GLY A 4 -2.44 1.79 20.93
CA GLY A 4 -2.33 0.58 20.13
C GLY A 4 -3.41 0.48 19.08
N THR A 5 -4.69 0.68 19.50
CA THR A 5 -5.81 0.59 18.57
C THR A 5 -5.71 1.67 17.52
N PHE A 6 -5.40 2.92 17.92
CA PHE A 6 -5.27 4.01 16.94
C PHE A 6 -4.08 3.76 16.05
N THR A 7 -2.84 3.60 16.55
CA THR A 7 -1.72 3.40 15.64
C THR A 7 -1.94 2.19 14.76
N SER A 8 -2.60 1.11 15.26
CA SER A 8 -2.90 -0.01 14.37
C SER A 8 -3.82 0.49 13.28
N ASP A 9 -4.80 1.36 13.62
CA ASP A 9 -5.69 1.93 12.60
C ASP A 9 -4.89 2.83 11.68
N LEU A 10 -3.90 3.60 12.18
CA LEU A 10 -3.08 4.41 11.28
C LEU A 10 -2.39 3.48 10.31
N SER A 11 -1.74 2.38 10.77
CA SER A 11 -1.08 1.48 9.85
C SER A 11 -2.10 0.84 8.94
N LYS A 12 -3.36 0.61 9.38
CA LYS A 12 -4.37 0.10 8.44
C LYS A 12 -4.54 1.14 7.36
N GLN A 13 -4.61 2.45 7.69
CA GLN A 13 -4.69 3.45 6.63
C GLN A 13 -3.50 3.34 5.70
N LYS A 14 -2.29 3.04 6.23
CA LYS A 14 -1.12 2.97 5.35
C LYS A 14 -1.21 1.73 4.52
N ASP A 15 -1.34 0.53 5.14
CA ASP A 15 -1.55 -0.69 4.37
C ASP A 15 -2.65 -0.50 3.37
N GLU A 16 -3.74 0.25 3.71
CA GLU A 16 -4.83 0.44 2.75
C GLU A 16 -4.32 1.31 1.63
N GLN A 17 -3.74 2.50 1.94
CA GLN A 17 -3.25 3.39 0.91
C GLN A 17 -2.25 2.67 0.04
N ARG A 18 -1.34 1.88 0.66
CA ARG A 18 -0.27 1.23 -0.08
C ARG A 18 -0.86 0.16 -0.96
N ALA A 19 -1.83 -0.64 -0.45
CA ALA A 19 -2.47 -1.62 -1.31
C ALA A 19 -3.15 -0.87 -2.43
N LYS A 20 -3.90 0.22 -2.12
CA LYS A 20 -4.57 0.98 -3.16
C LYS A 20 -3.57 1.45 -4.19
N LEU A 21 -2.39 1.97 -3.78
CA LEU A 21 -1.41 2.39 -4.78
C LEU A 21 -1.03 1.17 -5.59
N PHE A 22 -0.82 0.00 -4.96
CA PHE A 22 -0.50 -1.21 -5.72
C PHE A 22 -1.61 -1.53 -6.69
N ILE A 23 -2.90 -1.36 -6.29
CA ILE A 23 -4.01 -1.60 -7.22
C ILE A 23 -3.96 -0.55 -8.32
N GLU A 24 -3.74 0.75 -8.02
CA GLU A 24 -3.66 1.74 -9.10
C GLU A 24 -2.54 1.34 -10.04
N TRP A 25 -1.41 0.87 -9.49
CA TRP A 25 -0.29 0.42 -10.32
C TRP A 25 -0.69 -0.78 -11.15
N LEU A 26 -1.45 -1.76 -10.59
CA LEU A 26 -1.94 -2.85 -11.42
C LEU A 26 -2.81 -2.29 -12.51
N AIB A 27 -3.77 -1.39 -12.17
CA AIB A 27 -4.70 -0.86 -13.16
C AIB A 27 -3.94 -0.15 -14.25
O AIB A 27 -4.26 -0.28 -15.42
CB1 AIB A 27 -5.56 -2.02 -13.75
CB2 AIB A 27 -5.66 0.17 -12.49
H AIB A 27 -3.83 -1.06 -11.23
HB11 AIB A 27 -6.05 -2.56 -12.93
HB12 AIB A 27 -6.33 -1.63 -14.44
HB13 AIB A 27 -4.95 -2.74 -14.31
HB21 AIB A 27 -6.36 0.59 -13.23
HB22 AIB A 27 -6.24 -0.32 -11.70
HB23 AIB A 27 -5.09 1.00 -12.06
N ALA A 28 -2.87 0.61 -13.87
CA ALA A 28 -2.05 1.26 -14.87
C ALA A 28 -1.39 0.25 -15.77
N GLY A 29 -1.11 -0.97 -15.27
CA GLY A 29 -0.38 -1.95 -16.06
C GLY A 29 0.20 -3.07 -15.23
N GLY A 30 0.64 -2.80 -13.97
CA GLY A 30 1.35 -3.82 -13.21
C GLY A 30 2.78 -3.73 -13.69
N PRO A 31 3.58 -4.82 -13.78
CA PRO A 31 4.90 -4.71 -14.38
C PRO A 31 4.89 -3.97 -15.71
N SER A 32 3.77 -4.04 -16.47
CA SER A 32 3.73 -3.36 -17.77
C SER A 32 3.82 -1.86 -17.65
N SER A 33 3.32 -1.24 -16.56
CA SER A 33 3.35 0.22 -16.48
C SER A 33 4.74 0.79 -16.43
N GLY A 34 5.81 -0.02 -16.21
CA GLY A 34 7.18 0.50 -16.25
C GLY A 34 7.81 0.46 -14.88
N ALA A 35 7.20 1.16 -13.89
CA ALA A 35 7.86 1.31 -12.60
C ALA A 35 7.87 0.03 -11.79
N PRO A 36 8.93 -0.32 -11.01
CA PRO A 36 8.77 -1.39 -10.02
C PRO A 36 7.57 -1.07 -9.15
N PRO A 37 6.93 -2.03 -8.43
CA PRO A 37 5.71 -1.69 -7.71
C PRO A 37 5.94 -0.64 -6.64
N PRO A 38 4.93 0.12 -6.18
CA PRO A 38 5.19 1.25 -5.28
C PRO A 38 5.49 0.81 -3.86
N SER A 39 6.75 0.43 -3.55
CA SER A 39 7.08 0.09 -2.16
C SER A 39 6.72 1.21 -1.22
N NH2 A 40 7.12 2.46 -1.53
HN1 NH2 A 40 6.89 3.21 -0.90
HN2 NH2 A 40 7.64 2.65 -2.36
C7 EVT B . 9.23 5.62 11.63
C9 EVT B . 10.58 5.64 10.97
C10 EVT B . 11.61 6.31 11.93
C11 EVT B . 13.05 6.40 11.37
C12 EVT B . 15.03 6.76 14.61
C13 EVT B . 16.54 7.02 14.40
C14 EVT B . 16.85 8.07 13.29
O8 EVT B . 9.17 5.53 12.84
C15 EVT B . 18.35 8.45 13.31
N6 EVT B . 8.11 5.67 10.87
C16 EVT B . 18.77 9.32 12.10
C17 EVT B . 20.26 9.71 12.18
C18 EVT B . 20.77 10.35 10.87
C19 EVT B . 22.23 10.88 10.94
C20 EVT B . 23.29 9.77 11.24
C21 EVT B . 24.73 10.33 11.14
C22 EVT B . 25.79 9.27 11.55
C23 EVT B . 13.09 7.28 10.14
O24 EVT B . 12.93 6.75 9.01
N25 EVT B . 13.87 6.96 12.44
C26 EVT B . 14.35 6.15 13.41
O26 EVT B . 13.28 8.51 10.31
O27 EVT B . 14.25 4.94 13.37
C29 EVT B . 27.22 9.88 11.50
C30 EVT B . 28.36 8.89 11.88
C31 EVT B . 28.24 8.34 13.34
C32 EVT B . 29.53 7.60 13.75
C33 EVT B . 3.19 6.53 10.38
O34 EVT B . 2.76 7.66 10.24
C35 EVT B . 4.32 6.28 11.35
C36 EVT B . 5.65 6.08 10.57
C37 EVT B . 6.80 5.67 11.53
C38 EVT B . 6.54 4.30 12.08
O39 EVT B . 6.40 4.16 13.34
O40 EVT B . 6.49 3.33 11.29
H93 EVT B . 10.89 4.61 10.74
H92 EVT B . 10.53 6.20 10.02
H103 EVT B . 11.27 7.32 12.18
H102 EVT B . 11.66 5.73 12.86
H11 EVT B . 13.41 5.40 11.08
H122 EVT B . 14.52 7.69 14.90
H123 EVT B . 14.92 6.06 15.45
H133 EVT B . 17.03 6.08 14.15
H132 EVT B . 16.97 7.39 15.35
H143 EVT B . 16.24 8.98 13.44
H142 EVT B . 16.59 7.63 12.31
H153 EVT B . 18.96 7.54 13.31
H152 EVT B . 18.57 9.00 14.24
H6 EVT B . 8.16 5.70 9.87
H163 EVT B . 18.15 10.23 12.06
H162 EVT B . 18.59 8.76 11.17
H173 EVT B . 20.86 8.81 12.40
H172 EVT B . 20.41 10.43 13.01
H183 EVT B . 20.11 11.18 10.59
H182 EVT B . 20.71 9.60 10.07
H193 EVT B . 22.29 11.66 11.72
H192 EVT B . 22.47 11.35 9.97
H203 EVT B . 23.16 8.95 10.51
H202 EVT B . 23.13 9.37 12.24
H213 EVT B . 24.82 11.20 11.79
H212 EVT B . 24.92 10.66 10.10
H223 EVT B . 25.74 8.41 10.88
H222 EVT B . 25.57 8.95 12.58
H25 EVT B . 13.97 7.95 12.50
H293 EVT B . 27.26 10.74 12.18
H292 EVT B . 27.40 10.24 10.48
H303 EVT B . 29.31 9.42 11.79
H302 EVT B . 28.36 8.05 11.18
H313 EVT B . 27.39 7.65 13.42
H312 EVT B . 28.06 9.18 14.03
H321 EVT B . 29.76 6.81 13.04
H323 EVT B . 29.40 7.16 14.75
H322 EVT B . 30.37 8.31 13.80
H353 EVT B . 4.10 5.39 11.93
H352 EVT B . 4.43 7.12 12.03
H363 EVT B . 5.91 7.00 10.05
H362 EVT B . 5.53 5.29 9.80
H37 EVT B . 6.82 6.41 12.34
N HIS A 1 1.99 -5.75 23.22
CA HIS A 1 2.14 -4.52 24.05
C HIS A 1 1.20 -3.46 23.56
N AIB A 2 0.97 -2.39 24.36
CA AIB A 2 0.11 -1.29 23.92
C AIB A 2 0.49 -0.89 22.51
O AIB A 2 -0.38 -0.79 21.67
CB1 AIB A 2 0.30 -0.05 24.83
CB2 AIB A 2 -1.37 -1.75 23.99
H AIB A 2 1.39 -2.33 25.26
HB11 AIB A 2 1.35 0.25 24.86
HB12 AIB A 2 -0.29 0.79 24.44
HB13 AIB A 2 -0.03 -0.27 25.85
HB21 AIB A 2 -1.62 -2.06 25.02
HB22 AIB A 2 -2.04 -0.93 23.71
HB23 AIB A 2 -1.55 -2.60 23.32
N GLN A 3 1.81 -0.68 22.25
CA GLN A 3 2.21 -0.28 20.92
C GLN A 3 1.75 -1.33 19.94
N GLY A 4 2.07 -2.62 20.18
CA GLY A 4 1.67 -3.67 19.25
C GLY A 4 0.29 -3.41 18.70
N THR A 5 -0.68 -3.12 19.61
CA THR A 5 -2.04 -2.85 19.16
C THR A 5 -2.11 -1.52 18.44
N PHE A 6 -1.51 -0.43 18.97
CA PHE A 6 -1.60 0.84 18.26
C PHE A 6 -0.95 0.74 16.89
N THR A 7 0.34 0.34 16.79
CA THR A 7 1.00 0.29 15.50
C THR A 7 0.29 -0.64 14.54
N SER A 8 -0.35 -1.73 15.00
CA SER A 8 -1.06 -2.59 14.05
C SER A 8 -2.12 -1.76 13.36
N ASP A 9 -2.80 -0.85 14.09
CA ASP A 9 -3.78 0.01 13.43
C ASP A 9 -3.06 0.92 12.45
N LEU A 10 -1.91 1.52 12.82
CA LEU A 10 -1.18 2.35 11.86
C LEU A 10 -0.94 1.55 10.60
N SER A 11 -0.41 0.32 10.67
CA SER A 11 -0.17 -0.44 9.45
C SER A 11 -1.49 -0.75 8.78
N LYS A 12 -2.59 -1.01 9.53
CA LYS A 12 -3.86 -1.27 8.88
C LYS A 12 -4.17 -0.08 8.00
N GLN A 13 -3.82 1.16 8.43
CA GLN A 13 -4.00 2.32 7.57
C GLN A 13 -2.92 2.39 6.50
N LYS A 14 -1.63 2.08 6.79
CA LYS A 14 -0.65 2.11 5.70
C LYS A 14 -1.11 1.07 4.70
N ASP A 15 -1.18 -0.22 5.09
CA ASP A 15 -1.73 -1.27 4.23
C ASP A 15 -2.86 -0.75 3.37
N GLU A 16 -3.81 0.03 3.96
CA GLU A 16 -4.95 0.51 3.18
C GLU A 16 -4.45 1.32 2.01
N GLN A 17 -3.64 2.36 2.30
CA GLN A 17 -3.11 3.21 1.23
C GLN A 17 -2.23 2.38 0.32
N ARG A 18 -1.29 1.60 0.90
CA ARG A 18 -0.33 0.84 0.08
C ARG A 18 -1.07 0.01 -0.94
N ALA A 19 -2.14 -0.70 -0.53
CA ALA A 19 -2.85 -1.54 -1.48
C ALA A 19 -3.46 -0.67 -2.55
N LYS A 20 -4.10 0.46 -2.17
CA LYS A 20 -4.72 1.31 -3.19
C LYS A 20 -3.67 1.81 -4.17
N LEU A 21 -2.42 2.09 -3.72
CA LEU A 21 -1.38 2.47 -4.66
C LEU A 21 -1.10 1.26 -5.55
N PHE A 22 -0.95 0.06 -4.93
CA PHE A 22 -0.62 -1.13 -5.72
C PHE A 22 -1.71 -1.42 -6.73
N ILE A 23 -2.99 -1.20 -6.37
CA ILE A 23 -4.09 -1.41 -7.32
C ILE A 23 -3.97 -0.42 -8.46
N GLU A 24 -3.75 0.88 -8.16
CA GLU A 24 -3.58 1.85 -9.24
C GLU A 24 -2.43 1.41 -10.13
N TRP A 25 -1.32 0.88 -9.55
CA TRP A 25 -0.20 0.43 -10.37
C TRP A 25 -0.57 -0.78 -11.18
N LEU A 26 -1.26 -1.78 -10.59
CA LEU A 26 -1.68 -2.94 -11.37
C LEU A 26 -2.58 -2.47 -12.49
N AIB A 27 -3.55 -1.56 -12.20
CA AIB A 27 -4.49 -1.06 -13.22
C AIB A 27 -3.70 -0.40 -14.33
O AIB A 27 -4.03 -0.58 -15.48
CB1 AIB A 27 -5.39 -2.21 -13.77
CB2 AIB A 27 -5.42 0.03 -12.61
H AIB A 27 -3.62 -1.19 -11.28
HB11 AIB A 27 -5.92 -2.67 -12.92
HB12 AIB A 27 -6.14 -1.85 -14.49
HB13 AIB A 27 -4.80 -2.99 -14.27
HB21 AIB A 27 -6.13 0.43 -13.35
HB22 AIB A 27 -5.99 -0.42 -11.78
HB23 AIB A 27 -4.82 0.86 -12.22
N ALA A 28 -2.63 0.35 -13.98
CA ALA A 28 -1.82 0.99 -15.00
C ALA A 28 -1.08 0.01 -15.90
N GLY A 29 -1.06 -1.31 -15.58
CA GLY A 29 -0.27 -2.27 -16.33
C GLY A 29 0.48 -3.20 -15.41
N GLY A 30 0.77 -2.83 -14.14
CA GLY A 30 1.58 -3.71 -13.30
C GLY A 30 2.96 -3.73 -13.90
N PRO A 31 3.69 -4.86 -14.00
CA PRO A 31 4.96 -4.85 -14.71
C PRO A 31 4.86 -4.24 -16.10
N SER A 32 3.70 -4.34 -16.78
CA SER A 32 3.60 -3.78 -18.14
C SER A 32 3.55 -2.27 -18.15
N SER A 33 3.17 -1.59 -17.04
CA SER A 33 3.04 -0.14 -17.08
C SER A 33 4.34 0.53 -17.47
N GLY A 34 5.47 0.07 -16.89
CA GLY A 34 6.75 0.76 -17.07
C GLY A 34 7.25 1.20 -15.71
N ALA A 35 6.36 1.78 -14.86
CA ALA A 35 6.80 2.27 -13.57
C ALA A 35 7.14 1.13 -12.65
N PRO A 36 8.22 1.12 -11.82
CA PRO A 36 8.36 0.08 -10.82
C PRO A 36 7.14 -0.01 -9.92
N PRO A 37 6.92 -1.07 -9.10
CA PRO A 37 5.76 -1.07 -8.25
C PRO A 37 5.95 -0.09 -7.10
N PRO A 38 4.88 0.40 -6.42
CA PRO A 38 5.06 1.38 -5.35
C PRO A 38 5.51 0.68 -4.09
N SER A 39 6.77 0.20 -4.02
CA SER A 39 7.27 -0.43 -2.82
C SER A 39 7.74 0.63 -1.85
N NH2 A 40 8.74 1.45 -2.21
HN1 NH2 A 40 9.06 2.15 -1.57
HN2 NH2 A 40 9.17 1.41 -3.11
C7 EVT B . 10.88 3.31 11.71
C9 EVT B . 12.30 3.84 11.76
C10 EVT B . 13.05 3.20 12.96
C11 EVT B . 14.57 3.52 13.00
C12 EVT B . 15.65 1.57 16.13
C13 EVT B . 17.14 1.13 16.17
C14 EVT B . 18.09 2.33 15.91
O8 EVT B . 10.02 3.91 12.33
C15 EVT B . 19.54 1.84 15.62
N6 EVT B . 10.62 2.20 10.98
C16 EVT B . 20.48 3.04 15.27
C17 EVT B . 21.90 2.54 14.90
C18 EVT B . 22.76 3.70 14.32
C19 EVT B . 24.23 3.30 14.03
C20 EVT B . 24.37 2.10 13.05
C21 EVT B . 25.84 1.79 12.70
C22 EVT B . 25.91 0.59 11.72
C23 EVT B . 14.85 4.97 12.69
O24 EVT B . 14.95 5.32 11.49
N25 EVT B . 15.09 3.18 14.33
C26 EVT B . 15.21 1.89 14.72
O26 EVT B . 15.00 5.77 13.66
O27 EVT B . 14.97 0.95 13.98
C29 EVT B . 27.37 0.23 11.30
C30 EVT B . 27.41 -0.68 10.05
C31 EVT B . 26.82 -2.10 10.30
C32 EVT B . 26.72 -2.91 8.97
C33 EVT B . 5.83 2.93 9.43
O34 EVT B . 6.16 4.05 9.06
C35 EVT B . 6.85 2.06 10.14
C36 EVT B . 8.31 2.54 10.05
C37 EVT B . 9.26 1.66 10.91
C38 EVT B . 9.32 0.25 10.37
O39 EVT B . 8.78 -0.69 11.03
O40 EVT B . 9.91 0.06 9.28
H93 EVT B . 12.84 3.63 10.83
H92 EVT B . 12.26 4.94 11.88
H103 EVT B . 12.60 3.57 13.88
H102 EVT B . 12.90 2.12 12.93
H11 EVT B . 15.07 2.92 12.23
H122 EVT B . 15.48 2.42 16.82
H123 EVT B . 15.02 0.74 16.49
H133 EVT B . 17.29 0.36 15.40
H132 EVT B . 17.38 0.69 17.14
H143 EVT B . 18.10 2.99 16.78
H142 EVT B . 17.74 2.90 15.05
H153 EVT B . 19.52 1.15 14.77
H152 EVT B . 19.93 1.30 16.50
H6 EVT B . 11.35 1.74 10.48
H163 EVT B . 20.56 3.73 16.12
H162 EVT B . 20.06 3.58 14.42
H173 EVT B . 21.79 1.74 14.15
H172 EVT B . 22.39 2.12 15.79
H183 EVT B . 22.76 4.54 15.03
H182 EVT B . 22.29 4.04 13.38
H193 EVT B . 24.74 3.07 14.96
H192 EVT B . 24.74 4.17 13.57
H203 EVT B . 23.81 2.32 12.12
H202 EVT B . 23.93 1.20 13.52
H213 EVT B . 26.40 1.55 13.62
H212 EVT B . 26.30 2.68 12.25
H223 EVT B . 25.33 0.85 10.81
H222 EVT B . 25.43 -0.27 12.19
H25 EVT B . 15.31 3.93 14.95
H293 EVT B . 27.87 -0.28 12.14
H292 EVT B . 27.92 1.15 11.08
H303 EVT B . 28.45 -0.80 9.72
H302 EVT B . 26.85 -0.20 9.24
H313 EVT B . 25.81 -2.03 10.72
H312 EVT B . 27.47 -2.63 11.01
H321 EVT B . 27.71 -3.04 8.53
H323 EVT B . 26.08 -2.39 8.25
H322 EVT B . 26.28 -3.90 9.18
H353 EVT B . 6.77 1.04 9.75
H352 EVT B . 6.54 2.04 11.21
H363 EVT B . 8.37 3.57 10.41
H362 EVT B . 8.64 2.51 9.00
H37 EVT B . 8.87 1.61 11.94
N HIS A 1 -0.99 -2.08 23.97
CA HIS A 1 -0.94 -0.73 24.60
C HIS A 1 -1.60 0.27 23.69
N AIB A 2 -1.84 1.53 24.14
CA AIB A 2 -2.35 2.56 23.24
C AIB A 2 -1.59 2.49 21.94
O AIB A 2 -2.19 2.52 20.88
CB1 AIB A 2 -2.13 3.99 23.83
CB2 AIB A 2 -3.86 2.33 23.01
H AIB A 2 -1.66 1.77 25.09
HB11 AIB A 2 -1.08 4.16 24.06
HB12 AIB A 2 -2.46 4.75 23.11
HB13 AIB A 2 -2.72 4.11 24.74
HB21 AIB A 2 -4.39 2.32 23.98
HB22 AIB A 2 -4.28 3.11 22.38
HB23 AIB A 2 -4.02 1.36 22.53
N GLN A 3 -0.24 2.37 22.01
CA GLN A 3 0.54 2.23 20.78
C GLN A 3 0.07 1.00 20.04
N GLY A 4 0.16 -0.22 20.62
CA GLY A 4 -0.19 -1.41 19.86
C GLY A 4 -1.43 -1.24 19.03
N THR A 5 -2.58 -0.89 19.66
CA THR A 5 -3.81 -0.70 18.91
C THR A 5 -3.64 0.42 17.89
N PHE A 6 -3.03 1.55 18.30
CA PHE A 6 -2.98 2.70 17.40
C PHE A 6 -2.02 2.43 16.26
N THR A 7 -0.75 2.07 16.52
CA THR A 7 0.17 1.79 15.42
C THR A 7 -0.36 0.64 14.59
N SER A 8 -1.12 -0.33 15.15
CA SER A 8 -1.67 -1.37 14.30
C SER A 8 -2.65 -0.73 13.34
N ASP A 9 -3.49 0.22 13.79
CA ASP A 9 -4.36 0.93 12.85
C ASP A 9 -3.50 1.73 11.89
N LEU A 10 -2.35 2.30 12.29
CA LEU A 10 -1.49 2.97 11.32
C LEU A 10 -1.01 1.97 10.30
N SER A 11 -0.68 0.71 10.67
CA SER A 11 -0.26 -0.26 9.67
C SER A 11 -1.42 -0.54 8.76
N LYS A 12 -2.64 -0.77 9.28
CA LYS A 12 -3.77 -1.06 8.40
C LYS A 12 -3.92 0.10 7.45
N GLN A 13 -3.95 1.34 7.96
CA GLN A 13 -4.10 2.50 7.08
C GLN A 13 -2.96 2.55 6.08
N LYS A 14 -1.70 2.34 6.49
CA LYS A 14 -0.61 2.32 5.51
C LYS A 14 -0.91 1.20 4.55
N ASP A 15 -0.95 -0.08 5.00
CA ASP A 15 -1.28 -1.19 4.11
C ASP A 15 -2.46 -0.88 3.21
N GLU A 16 -3.48 -0.14 3.69
CA GLU A 16 -4.61 0.18 2.82
C GLU A 16 -4.12 1.10 1.74
N GLN A 17 -3.60 2.30 2.08
CA GLN A 17 -3.11 3.25 1.07
C GLN A 17 -2.14 2.56 0.15
N ARG A 18 -1.21 1.75 0.72
CA ARG A 18 -0.23 1.07 -0.10
C ARG A 18 -0.92 0.12 -1.04
N ALA A 19 -1.95 -0.62 -0.59
CA ALA A 19 -2.69 -1.48 -1.52
C ALA A 19 -3.39 -0.63 -2.55
N LYS A 20 -3.95 0.54 -2.18
CA LYS A 20 -4.59 1.39 -3.19
C LYS A 20 -3.55 1.75 -4.22
N LEU A 21 -2.34 2.18 -3.79
CA LEU A 21 -1.29 2.53 -4.75
C LEU A 21 -1.01 1.31 -5.60
N PHE A 22 -0.94 0.11 -4.98
CA PHE A 22 -0.67 -1.11 -5.75
C PHE A 22 -1.77 -1.34 -6.75
N ILE A 23 -3.06 -1.09 -6.40
CA ILE A 23 -4.14 -1.26 -7.37
C ILE A 23 -3.97 -0.24 -8.48
N GLU A 24 -3.64 1.03 -8.19
CA GLU A 24 -3.44 2.00 -9.29
C GLU A 24 -2.37 1.43 -10.20
N TRP A 25 -1.28 0.90 -9.62
CA TRP A 25 -0.19 0.34 -10.42
C TRP A 25 -0.62 -0.89 -11.19
N LEU A 26 -1.36 -1.84 -10.58
CA LEU A 26 -1.83 -3.02 -11.32
C LEU A 26 -2.67 -2.55 -12.47
N AIB A 27 -3.65 -1.65 -12.21
CA AIB A 27 -4.57 -1.20 -13.24
C AIB A 27 -3.79 -0.54 -14.36
O AIB A 27 -4.13 -0.71 -15.51
CB1 AIB A 27 -5.43 -2.39 -13.75
CB2 AIB A 27 -5.52 -0.12 -12.64
H AIB A 27 -3.72 -1.26 -11.29
HB11 AIB A 27 -6.21 -2.05 -14.45
HB12 AIB A 27 -4.81 -3.13 -14.27
HB13 AIB A 27 -5.92 -2.88 -12.90
HB21 AIB A 27 -6.22 0.27 -13.39
HB22 AIB A 27 -6.11 -0.55 -11.81
HB23 AIB A 27 -4.93 0.71 -12.24
N ALA A 28 -2.71 0.19 -14.02
CA ALA A 28 -1.89 0.84 -15.05
C ALA A 28 -1.11 -0.15 -15.90
N GLY A 29 -1.11 -1.46 -15.62
CA GLY A 29 -0.25 -2.39 -16.33
C GLY A 29 0.46 -3.32 -15.37
N GLY A 30 0.69 -2.91 -14.10
CA GLY A 30 1.44 -3.76 -13.20
C GLY A 30 2.86 -3.83 -13.72
N PRO A 31 3.52 -5.00 -13.83
CA PRO A 31 4.82 -5.04 -14.48
C PRO A 31 4.85 -4.37 -15.83
N SER A 32 3.73 -4.34 -16.59
CA SER A 32 3.73 -3.70 -17.91
C SER A 32 3.68 -2.19 -17.85
N SER A 33 3.28 -1.55 -16.72
CA SER A 33 3.12 -0.10 -16.72
C SER A 33 4.39 0.62 -17.12
N GLY A 34 5.56 0.14 -16.64
CA GLY A 34 6.81 0.88 -16.81
C GLY A 34 7.22 1.51 -15.49
N ALA A 35 6.27 2.10 -14.73
CA ALA A 35 6.63 2.69 -13.44
C ALA A 35 6.89 1.56 -12.47
N PRO A 36 8.02 1.46 -11.72
CA PRO A 36 8.15 0.39 -10.72
C PRO A 36 6.97 0.27 -9.78
N PRO A 37 6.73 -0.86 -9.07
CA PRO A 37 5.61 -0.90 -8.15
C PRO A 37 5.87 0.01 -6.98
N PRO A 38 4.84 0.45 -6.20
CA PRO A 38 5.10 1.31 -5.06
C PRO A 38 5.74 0.48 -3.96
N SER A 39 7.04 0.15 -4.09
CA SER A 39 7.66 -0.77 -3.14
C SER A 39 9.16 -0.56 -3.15
N NH2 A 40 9.66 0.56 -2.60
HN1 NH2 A 40 10.65 0.71 -2.59
HN2 NH2 A 40 9.05 1.25 -2.22
C7 EVT B . 7.78 7.06 13.66
C9 EVT B . 7.89 8.46 14.21
C10 EVT B . 9.05 8.61 15.23
C11 EVT B . 9.08 10.03 15.87
C12 EVT B . 12.43 10.34 17.64
C13 EVT B . 13.92 10.36 17.17
C14 EVT B . 14.32 11.67 16.44
O8 EVT B . 7.55 6.15 14.45
C15 EVT B . 15.86 11.71 16.23
N6 EVT B . 7.93 6.84 12.32
C16 EVT B . 16.29 12.98 15.45
C17 EVT B . 17.83 13.09 15.32
C18 EVT B . 18.25 14.38 14.57
C19 EVT B . 19.79 14.55 14.44
C20 EVT B . 20.41 13.67 13.32
C21 EVT B . 21.96 13.81 13.31
C22 EVT B . 22.59 13.02 12.13
C23 EVT B . 7.76 10.37 16.50
O24 EVT B . 7.41 9.73 17.53
N25 EVT B . 10.13 10.09 16.88
C26 EVT B . 11.42 10.26 16.53
O26 EVT B . 7.04 11.28 15.99
O27 EVT B . 11.77 10.34 15.36
C29 EVT B . 24.14 13.17 12.12
C30 EVT B . 24.82 12.55 10.87
C31 EVT B . 24.66 11.01 10.76
C32 EVT B . 25.51 10.44 9.60
C33 EVT B . 4.42 4.32 9.86
O34 EVT B . 3.95 5.43 9.67
C35 EVT B . 5.79 4.21 10.51
C36 EVT B . 6.28 5.56 11.10
C37 EVT B . 7.69 5.53 11.73
C38 EVT B . 8.74 5.25 10.69
O39 EVT B . 8.99 4.06 10.38
O40 EVT B . 9.34 6.23 10.17
H93 EVT B . 8.03 9.19 13.41
H92 EVT B . 6.95 8.67 14.72
H103 EVT B . 8.94 7.87 16.04
H102 EVT B . 10.01 8.43 14.73
H11 EVT B . 9.28 10.78 15.08
H122 EVT B . 12.22 11.22 18.25
H123 EVT B . 12.28 9.45 18.28
H133 EVT B . 14.11 9.49 16.53
H132 EVT B . 14.54 10.27 18.07
H143 EVT B . 14.01 12.54 17.04
H142 EVT B . 13.82 11.74 15.47
H153 EVT B . 16.19 10.82 15.68
H152 EVT B . 16.36 11.72 17.21
H6 EVT B . 8.11 7.60 11.70
H163 EVT B . 15.90 13.87 15.96
H162 EVT B . 15.85 12.95 14.44
H173 EVT B . 18.21 12.19 14.80
H172 EVT B . 18.27 13.11 16.34
H183 EVT B . 17.84 15.24 15.12
H182 EVT B . 17.79 14.39 13.57
H193 EVT B . 20.26 14.31 15.42
H192 EVT B . 20.02 15.61 14.22
H203 EVT B . 19.99 13.99 12.35
H202 EVT B . 20.14 12.62 13.48
H213 EVT B . 22.36 13.41 14.25
H212 EVT B . 22.23 14.86 13.23
H223 EVT B . 22.19 13.41 11.19
H222 EVT B . 22.32 11.96 12.21
H25 EVT B . 9.86 9.97 17.85
H293 EVT B . 24.56 12.73 13.02
H292 EVT B . 24.38 14.25 12.13
H303 EVT B . 25.89 12.78 10.91
H302 EVT B . 24.40 13.01 9.96
H313 EVT B . 23.61 10.73 10.60
H312 EVT B . 24.99 10.54 11.71
H321 EVT B . 25.21 10.88 8.64
H323 EVT B . 25.39 9.34 9.53
H322 EVT B . 26.57 10.65 9.75
H353 EVT B . 6.49 3.86 9.75
H352 EVT B . 5.76 3.47 11.32
H363 EVT B . 5.58 5.87 11.88
H362 EVT B . 6.27 6.33 10.31
H37 EVT B . 7.74 4.72 12.48
N HIS A 1 0.40 -2.03 25.01
CA HIS A 1 1.38 -1.71 23.95
C HIS A 1 0.93 -0.48 23.20
N AIB A 2 1.06 0.72 23.83
CA AIB A 2 0.59 1.97 23.20
C AIB A 2 1.04 2.05 21.76
O AIB A 2 0.22 2.26 20.87
CB1 AIB A 2 1.15 3.20 23.98
CB2 AIB A 2 -0.96 1.99 23.30
H AIB A 2 1.45 0.77 24.74
HB11 AIB A 2 2.24 3.16 24.01
HB12 AIB A 2 0.85 4.14 23.49
HB13 AIB A 2 0.77 3.19 25.01
HB21 AIB A 2 -1.27 1.81 24.34
HB22 AIB A 2 -1.35 2.97 22.97
HB23 AIB A 2 -1.38 1.21 22.68
N GLN A 3 2.36 1.88 21.48
CA GLN A 3 2.81 1.88 20.10
C GLN A 3 2.08 0.77 19.38
N GLY A 4 2.13 -0.47 19.90
CA GLY A 4 1.48 -1.60 19.23
C GLY A 4 0.14 -1.22 18.64
N THR A 5 -0.78 -0.70 19.47
CA THR A 5 -2.10 -0.35 18.97
C THR A 5 -1.95 0.62 17.82
N PHE A 6 -1.18 1.71 18.02
CA PHE A 6 -1.05 2.69 16.96
C PHE A 6 -0.28 2.09 15.81
N THR A 7 1.04 1.82 15.90
CA THR A 7 1.78 1.37 14.72
C THR A 7 1.01 0.34 13.92
N SER A 8 0.25 -0.58 14.56
CA SER A 8 -0.51 -1.57 13.81
C SER A 8 -1.66 -0.91 13.06
N ASP A 9 -2.45 -0.02 13.73
CA ASP A 9 -3.54 0.68 13.03
C ASP A 9 -2.98 1.69 12.05
N LEU A 10 -1.90 2.41 12.41
CA LEU A 10 -1.27 3.34 11.47
C LEU A 10 -0.83 2.53 10.26
N SER A 11 -0.28 1.31 10.46
CA SER A 11 0.07 0.48 9.31
C SER A 11 -1.21 0.07 8.62
N LYS A 12 -2.31 -0.27 9.32
CA LYS A 12 -3.53 -0.61 8.58
C LYS A 12 -3.83 0.53 7.66
N GLN A 13 -3.78 1.80 8.14
CA GLN A 13 -4.06 2.92 7.25
C GLN A 13 -3.02 3.00 6.16
N LYS A 14 -1.71 2.94 6.47
CA LYS A 14 -0.73 3.02 5.38
C LYS A 14 -0.98 1.85 4.47
N ASP A 15 -0.87 0.59 4.95
CA ASP A 15 -1.20 -0.58 4.14
C ASP A 15 -2.46 -0.40 3.33
N GLU A 16 -3.50 0.28 3.85
CA GLU A 16 -4.70 0.50 3.04
C GLU A 16 -4.32 1.33 1.84
N GLN A 17 -3.61 2.45 2.07
CA GLN A 17 -3.14 3.29 0.96
C GLN A 17 -2.15 2.52 0.11
N ARG A 18 -1.26 1.68 0.70
CA ARG A 18 -0.28 0.96 -0.11
C ARG A 18 -1.01 0.00 -1.02
N ALA A 19 -2.01 -0.76 -0.52
CA ALA A 19 -2.74 -1.70 -1.36
C ALA A 19 -3.40 -0.92 -2.47
N LYS A 20 -4.10 0.19 -2.13
CA LYS A 20 -4.74 0.97 -3.19
C LYS A 20 -3.70 1.40 -4.19
N LEU A 21 -2.56 1.98 -3.76
CA LEU A 21 -1.54 2.39 -4.73
C LEU A 21 -1.17 1.20 -5.57
N PHE A 22 -1.03 0.01 -4.96
CA PHE A 22 -0.67 -1.17 -5.74
C PHE A 22 -1.75 -1.46 -6.75
N ILE A 23 -3.05 -1.38 -6.37
CA ILE A 23 -4.13 -1.59 -7.34
C ILE A 23 -4.05 -0.52 -8.40
N GLU A 24 -3.76 0.76 -8.08
CA GLU A 24 -3.65 1.77 -9.13
C GLU A 24 -2.52 1.38 -10.06
N TRP A 25 -1.39 0.87 -9.50
CA TRP A 25 -0.27 0.45 -10.34
C TRP A 25 -0.64 -0.75 -11.18
N LEU A 26 -1.36 -1.75 -10.62
CA LEU A 26 -1.83 -2.87 -11.45
C LEU A 26 -2.73 -2.34 -12.54
N AIB A 27 -3.69 -1.44 -12.19
CA AIB A 27 -4.63 -0.91 -13.18
C AIB A 27 -3.85 -0.19 -14.27
O AIB A 27 -4.18 -0.33 -15.43
CB1 AIB A 27 -5.47 -2.08 -13.76
CB2 AIB A 27 -5.59 0.10 -12.50
H AIB A 27 -3.74 -1.11 -11.25
HB11 AIB A 27 -5.93 -2.66 -12.95
HB12 AIB A 27 -6.27 -1.68 -14.41
HB13 AIB A 27 -4.85 -2.75 -14.36
HB21 AIB A 27 -6.31 0.51 -13.22
HB22 AIB A 27 -6.15 -0.38 -11.69
HB23 AIB A 27 -5.02 0.94 -12.08
N ALA A 28 -2.81 0.58 -13.88
CA ALA A 28 -1.97 1.23 -14.89
C ALA A 28 -1.33 0.21 -15.79
N GLY A 29 -1.06 -1.03 -15.28
CA GLY A 29 -0.40 -2.05 -16.09
C GLY A 29 0.31 -3.08 -15.24
N GLY A 30 0.77 -2.76 -14.00
CA GLY A 30 1.53 -3.73 -13.22
C GLY A 30 2.93 -3.74 -13.76
N PRO A 31 3.66 -4.87 -13.86
CA PRO A 31 4.94 -4.86 -14.54
C PRO A 31 4.88 -4.16 -15.89
N SER A 32 3.72 -4.21 -16.60
CA SER A 32 3.64 -3.59 -17.92
C SER A 32 3.68 -2.07 -17.86
N SER A 33 3.22 -1.42 -16.77
CA SER A 33 3.15 0.05 -16.78
C SER A 33 4.48 0.73 -16.94
N GLY A 34 5.64 0.05 -16.78
CA GLY A 34 6.91 0.75 -16.95
C GLY A 34 7.08 1.73 -15.81
N ALA A 35 6.95 1.25 -14.56
CA ALA A 35 7.10 2.12 -13.40
C ALA A 35 7.43 1.25 -12.20
N PRO A 36 8.58 1.33 -11.49
CA PRO A 36 8.79 0.45 -10.34
C PRO A 36 7.56 0.42 -9.46
N PRO A 37 7.17 -0.71 -8.81
CA PRO A 37 5.91 -0.71 -8.08
C PRO A 37 5.97 0.31 -6.96
N PRO A 38 4.82 0.85 -6.45
CA PRO A 38 4.88 2.00 -5.56
C PRO A 38 5.45 1.59 -4.21
N SER A 39 6.79 1.63 -4.08
CA SER A 39 7.43 1.22 -2.83
C SER A 39 8.86 1.68 -2.85
N NH2 A 40 9.60 1.58 -1.73
HN1 NH2 A 40 10.56 1.86 -1.73
HN2 NH2 A 40 9.20 1.24 -0.86
C7 EVT B . 9.66 5.40 12.59
C9 EVT B . 10.70 6.49 12.49
C10 EVT B . 10.51 7.56 13.60
C11 EVT B . 11.74 8.51 13.67
C12 EVT B . 12.57 10.88 16.56
C13 EVT B . 13.87 11.69 16.82
C14 EVT B . 14.27 12.54 15.59
O8 EVT B . 9.88 4.47 13.34
C15 EVT B . 15.70 13.11 15.74
N6 EVT B . 8.52 5.48 11.85
C16 EVT B . 16.13 13.91 14.48
C17 EVT B . 17.58 14.41 14.57
C18 EVT B . 18.01 15.10 13.25
C19 EVT B . 19.48 15.59 13.24
C20 EVT B . 20.51 14.45 13.45
C21 EVT B . 21.92 14.85 12.95
C22 EVT B . 22.94 13.71 13.14
C23 EVT B . 11.90 9.24 12.37
O24 EVT B . 11.01 10.08 12.04
N25 EVT B . 11.62 9.48 14.74
C26 EVT B . 12.72 9.87 15.44
O26 EVT B . 12.91 9.02 11.67
O27 EVT B . 13.84 9.43 15.22
C29 EVT B . 24.32 14.04 12.49
C30 EVT B . 25.33 12.87 12.52
C31 EVT B . 25.94 12.62 13.93
C32 EVT B . 26.86 11.37 13.93
C33 EVT B . 3.88 3.98 10.65
O34 EVT B . 3.04 4.41 11.42
C35 EVT B . 5.22 3.56 11.23
C36 EVT B . 6.24 4.72 11.14
C37 EVT B . 7.57 4.37 11.87
C38 EVT B . 8.24 3.17 11.24
O39 EVT B . 8.74 2.30 12.00
O40 EVT B . 8.29 3.11 9.98
H93 EVT B . 11.69 6.01 12.59
H92 EVT B . 10.68 6.97 11.50
H103 EVT B . 9.58 8.11 13.41
H102 EVT B . 10.41 7.06 14.57
H11 EVT B . 12.60 7.86 13.84
H122 EVT B . 11.75 11.56 16.34
H123 EVT B . 12.31 10.31 17.47
H133 EVT B . 14.69 11.00 17.07
H132 EVT B . 13.74 12.36 17.69
H143 EVT B . 13.55 13.36 15.46
H142 EVT B . 14.23 11.92 14.69
H153 EVT B . 16.40 12.29 15.88
H152 EVT B . 15.74 13.76 16.63
H6 EVT B . 8.34 6.27 11.26
H163 EVT B . 15.46 14.78 14.35
H162 EVT B . 16.03 13.25 13.60
H173 EVT B . 18.25 13.55 14.77
H172 EVT B . 17.68 15.13 15.41
H183 EVT B . 17.34 15.95 13.04
H182 EVT B . 17.89 14.38 12.42
H193 EVT B . 19.62 16.36 14.02
H192 EVT B . 19.65 16.08 12.28
H203 EVT B . 20.18 13.56 12.89
H202 EVT B . 20.56 14.18 14.51
H213 EVT B . 22.27 15.76 13.47
H212 EVT B . 21.84 15.09 11.88
H223 EVT B . 22.56 12.79 12.67
H222 EVT B . 23.07 13.52 14.22
H25 EVT B . 10.72 9.87 14.92
H293 EVT B . 24.75 14.94 12.99
H292 EVT B . 24.15 14.31 11.44
H303 EVT B . 26.15 13.08 11.83
H302 EVT B . 24.83 11.96 12.17
H313 EVT B . 25.15 12.47 14.66
H312 EVT B . 26.53 13.50 14.23
H321 EVT B . 26.29 10.47 13.69
H323 EVT B . 27.31 11.26 14.92
H322 EVT B . 27.68 11.47 13.19
H353 EVT B . 5.60 2.69 10.69
H352 EVT B . 5.09 3.26 12.27
H363 EVT B . 5.82 5.62 11.62
H362 EVT B . 6.42 4.94 10.07
H37 EVT B . 7.33 4.13 12.91
#